data_430D
# 
_entry.id   430D 
# 
_audit_conform.dict_name       mmcif_pdbx.dic 
_audit_conform.dict_version    5.387 
_audit_conform.dict_location   http://mmcif.pdb.org/dictionaries/ascii/mmcif_pdbx.dic 
# 
loop_
_database_2.database_id 
_database_2.database_code 
_database_2.pdbx_database_accession 
_database_2.pdbx_DOI 
PDB   430D         pdb_0000430d 10.2210/pdb430d/pdb 
RCSB  UR0002       ?            ?                   
WWPDB D_1000179227 ?            ?                   
# 
loop_
_pdbx_audit_revision_history.ordinal 
_pdbx_audit_revision_history.data_content_type 
_pdbx_audit_revision_history.major_revision 
_pdbx_audit_revision_history.minor_revision 
_pdbx_audit_revision_history.revision_date 
1 'Structure model' 1 0 1998-10-07 
2 'Structure model' 1 1 2008-05-22 
3 'Structure model' 1 2 2011-07-13 
4 'Structure model' 1 3 2017-05-03 
5 'Structure model' 1 4 2024-02-28 
# 
_pdbx_audit_revision_details.ordinal             1 
_pdbx_audit_revision_details.revision_ordinal    1 
_pdbx_audit_revision_details.data_content_type   'Structure model' 
_pdbx_audit_revision_details.provider            repository 
_pdbx_audit_revision_details.type                'Initial release' 
_pdbx_audit_revision_details.description         ? 
_pdbx_audit_revision_details.details             ? 
# 
loop_
_pdbx_audit_revision_group.ordinal 
_pdbx_audit_revision_group.revision_ordinal 
_pdbx_audit_revision_group.data_content_type 
_pdbx_audit_revision_group.group 
1 2 'Structure model' 'Version format compliance' 
2 3 'Structure model' 'Version format compliance' 
3 4 'Structure model' 'Source and taxonomy'       
4 4 'Structure model' 'Structure summary'         
5 5 'Structure model' Advisory                    
6 5 'Structure model' 'Data collection'           
7 5 'Structure model' 'Database references'       
8 5 'Structure model' 'Derived calculations'      
# 
loop_
_pdbx_audit_revision_category.ordinal 
_pdbx_audit_revision_category.revision_ordinal 
_pdbx_audit_revision_category.data_content_type 
_pdbx_audit_revision_category.category 
1 5 'Structure model' chem_comp_atom               
2 5 'Structure model' chem_comp_bond               
3 5 'Structure model' database_2                   
4 5 'Structure model' pdbx_unobs_or_zero_occ_atoms 
5 5 'Structure model' struct_conn                  
6 5 'Structure model' struct_conn_type             
7 5 'Structure model' struct_site                  
# 
loop_
_pdbx_audit_revision_item.ordinal 
_pdbx_audit_revision_item.revision_ordinal 
_pdbx_audit_revision_item.data_content_type 
_pdbx_audit_revision_item.item 
1  5 'Structure model' '_database_2.pdbx_DOI'                
2  5 'Structure model' '_database_2.pdbx_database_accession' 
3  5 'Structure model' '_struct_conn.conn_type_id'           
4  5 'Structure model' '_struct_conn.id'                     
5  5 'Structure model' '_struct_conn.pdbx_dist_value'        
6  5 'Structure model' '_struct_conn.pdbx_leaving_atom_flag' 
7  5 'Structure model' '_struct_conn.ptnr1_auth_comp_id'     
8  5 'Structure model' '_struct_conn.ptnr1_auth_seq_id'      
9  5 'Structure model' '_struct_conn.ptnr1_label_asym_id'    
10 5 'Structure model' '_struct_conn.ptnr1_label_atom_id'    
11 5 'Structure model' '_struct_conn.ptnr1_label_comp_id'    
12 5 'Structure model' '_struct_conn.ptnr1_label_seq_id'     
13 5 'Structure model' '_struct_conn.ptnr2_auth_comp_id'     
14 5 'Structure model' '_struct_conn.ptnr2_auth_seq_id'      
15 5 'Structure model' '_struct_conn.ptnr2_label_asym_id'    
16 5 'Structure model' '_struct_conn.ptnr2_label_atom_id'    
17 5 'Structure model' '_struct_conn.ptnr2_label_comp_id'    
18 5 'Structure model' '_struct_conn.ptnr2_label_seq_id'     
19 5 'Structure model' '_struct_conn_type.id'                
20 5 'Structure model' '_struct_site.pdbx_auth_asym_id'      
21 5 'Structure model' '_struct_site.pdbx_auth_comp_id'      
22 5 'Structure model' '_struct_site.pdbx_auth_seq_id'       
# 
_pdbx_database_status.status_code                     REL 
_pdbx_database_status.entry_id                        430D 
_pdbx_database_status.recvd_initial_deposition_date   1998-10-04 
_pdbx_database_status.deposit_site                    NDB 
_pdbx_database_status.process_site                    NDB 
_pdbx_database_status.SG_entry                        . 
_pdbx_database_status.pdb_format_compatible           Y 
_pdbx_database_status.status_code_mr                  ? 
_pdbx_database_status.status_code_sf                  ? 
_pdbx_database_status.status_code_cs                  ? 
_pdbx_database_status.methods_development_category    ? 
_pdbx_database_status.status_code_nmr_data            ? 
# 
loop_
_audit_author.name 
_audit_author.pdbx_ordinal 
_audit_author.identifier_ORCID 
'Correll, C.C.' 1 ? 
'Munishkin, A.' 2 ? 
'Chan, Y.L.'    3 ? 
'Ren, Z.'       4 ? 
'Wool, I.G.'    5 ? 
'Steitz, T.A.'  6 ? 
# 
loop_
_citation.id 
_citation.title 
_citation.journal_abbrev 
_citation.journal_volume 
_citation.page_first 
_citation.page_last 
_citation.year 
_citation.journal_id_ASTM 
_citation.country 
_citation.journal_id_ISSN 
_citation.journal_id_CSD 
_citation.book_publisher 
_citation.pdbx_database_id_PubMed 
_citation.pdbx_database_id_DOI 
primary 'Crystal structure of the ribosomal RNA domain essential for binding elongation factors.' Proc.Natl.Acad.Sci.USA 95  13436 
13441 1998 PNASA6 US 0027-8424 0040 ? 9811818 10.1073/pnas.95.23.13436 
1       'The Conformation of the Sarcin/Ricin Loop from 28S Ribosomal RNA'                        Proc.Natl.Acad.Sci.USA 90  9581  
?     1993 PNASA6 US 0027-8424 0040 ? ?       ?                        
2       'The Sarcin/Ricin Loop, a Modular RNA'                                                    J.Mol.Biol.            247 81    
?     1995 JMOBAK UK 0022-2836 0070 ? ?       ?                        
3       'Comparison of the Crystal and Solution Structure of Two RNA Oligonucleotides'            Biophys.J.             ?   ?     
?     1998 BIOJAU US 1542-0086 0030 ? ?       ?                        
# 
loop_
_citation_author.citation_id 
_citation_author.name 
_citation_author.ordinal 
_citation_author.identifier_ORCID 
primary 'Correll, C.C.'   1  ? 
primary 'Munishkin, A.'   2  ? 
primary 'Chan, Y.L.'      3  ? 
primary 'Ren, Z.'         4  ? 
primary 'Wool, I.G.'      5  ? 
primary 'Steitz, T.A.'    6  ? 
1       'Szewczak, A.A.'  7  ? 
1       'Moore, P.B.'     8  ? 
1       'Chan, Y.L.'      9  ? 
1       'Wool, I.G.'      10 ? 
2       'Szewczak, A.A.'  11 ? 
2       'Moore, P.B.'     12 ? 
3       'Rife, J.P.'      13 ? 
3       'Stallings, S.C.' 14 ? 
3       'Correll, C.C.'   15 ? 
3       'Dallas, A.'      16 ? 
3       'Steitz, T.A.'    17 ? 
3       'Moore, P.B.'     18 ? 
# 
loop_
_entity.id 
_entity.type 
_entity.src_method 
_entity.pdbx_description 
_entity.formula_weight 
_entity.pdbx_number_of_molecules 
_entity.pdbx_ec 
_entity.pdbx_mutation 
_entity.pdbx_fragment 
_entity.details 
1 polymer     syn 'SARCIN/RICIN LOOP FROM RAT 28S R-RNA' 9455.571 1 ? ? ? ? 
2 non-polymer syn 'MAGNESIUM ION'                        24.305   9 ? ? ? ? 
3 water       nat water                                  18.015   9 ? ? ? ? 
# 
_entity_poly.entity_id                      1 
_entity_poly.type                           polyribonucleotide 
_entity_poly.nstd_linkage                   no 
_entity_poly.nstd_monomer                   yes 
_entity_poly.pdbx_seq_one_letter_code       'GGGUGCUCAGUACGAGAGGAACCGCA(CBV)CC' 
_entity_poly.pdbx_seq_one_letter_code_can   GGGUGCUCAGUACGAGAGGAACCGCACCC 
_entity_poly.pdbx_strand_id                 A 
_entity_poly.pdbx_target_identifier         ? 
# 
loop_
_pdbx_entity_nonpoly.entity_id 
_pdbx_entity_nonpoly.name 
_pdbx_entity_nonpoly.comp_id 
2 'MAGNESIUM ION' MG  
3 water           HOH 
# 
loop_
_entity_poly_seq.entity_id 
_entity_poly_seq.num 
_entity_poly_seq.mon_id 
_entity_poly_seq.hetero 
1 1  G   n 
1 2  G   n 
1 3  G   n 
1 4  U   n 
1 5  G   n 
1 6  C   n 
1 7  U   n 
1 8  C   n 
1 9  A   n 
1 10 G   n 
1 11 U   n 
1 12 A   n 
1 13 C   n 
1 14 G   n 
1 15 A   n 
1 16 G   n 
1 17 A   n 
1 18 G   n 
1 19 G   n 
1 20 A   n 
1 21 A   n 
1 22 C   n 
1 23 C   n 
1 24 G   n 
1 25 C   n 
1 26 A   n 
1 27 CBV n 
1 28 C   n 
1 29 C   n 
# 
_pdbx_entity_src_syn.entity_id              1 
_pdbx_entity_src_syn.pdbx_src_id            1 
_pdbx_entity_src_syn.pdbx_alt_source_flag   sample 
_pdbx_entity_src_syn.pdbx_beg_seq_num       ? 
_pdbx_entity_src_syn.pdbx_end_seq_num       ? 
_pdbx_entity_src_syn.organism_scientific    'Rattus norvegicus' 
_pdbx_entity_src_syn.organism_common_name   ? 
_pdbx_entity_src_syn.ncbi_taxonomy_id       10116 
_pdbx_entity_src_syn.details                ? 
# 
loop_
_chem_comp.id 
_chem_comp.type 
_chem_comp.mon_nstd_flag 
_chem_comp.name 
_chem_comp.pdbx_synonyms 
_chem_comp.formula 
_chem_comp.formula_weight 
A   'RNA linking' y "ADENOSINE-5'-MONOPHOSPHATE"                ? 'C10 H14 N5 O7 P'   347.221 
C   'RNA linking' y "CYTIDINE-5'-MONOPHOSPHATE"                 ? 'C9 H14 N3 O8 P'    323.197 
CBV 'RNA linking' n 
;5-BROMOCYTIDINE 5'-(DIHYDROGEN PHOSPHATE)
;
? 'C9 H13 Br N3 O8 P' 402.093 
G   'RNA linking' y "GUANOSINE-5'-MONOPHOSPHATE"                ? 'C10 H14 N5 O8 P'   363.221 
HOH non-polymer   . WATER                                       ? 'H2 O'              18.015  
MG  non-polymer   . 'MAGNESIUM ION'                             ? 'Mg 2'              24.305  
U   'RNA linking' y "URIDINE-5'-MONOPHOSPHATE"                  ? 'C9 H13 N2 O9 P'    324.181 
# 
loop_
_pdbx_poly_seq_scheme.asym_id 
_pdbx_poly_seq_scheme.entity_id 
_pdbx_poly_seq_scheme.seq_id 
_pdbx_poly_seq_scheme.mon_id 
_pdbx_poly_seq_scheme.ndb_seq_num 
_pdbx_poly_seq_scheme.pdb_seq_num 
_pdbx_poly_seq_scheme.auth_seq_num 
_pdbx_poly_seq_scheme.pdb_mon_id 
_pdbx_poly_seq_scheme.auth_mon_id 
_pdbx_poly_seq_scheme.pdb_strand_id 
_pdbx_poly_seq_scheme.pdb_ins_code 
_pdbx_poly_seq_scheme.hetero 
A 1 1  G   1  1  1  G   G  A . n 
A 1 2  G   2  2  2  G   G  A . n 
A 1 3  G   3  3  3  G   G  A . n 
A 1 4  U   4  4  4  U   U  A . n 
A 1 5  G   5  5  5  G   G  A . n 
A 1 6  C   6  6  6  C   C  A . n 
A 1 7  U   7  7  7  U   U  A . n 
A 1 8  C   8  8  8  C   C  A . n 
A 1 9  A   9  9  9  A   A  A . n 
A 1 10 G   10 10 10 G   G  A . n 
A 1 11 U   11 11 11 U   U  A . n 
A 1 12 A   12 12 12 A   A  A . n 
A 1 13 C   13 13 13 C   C  A . n 
A 1 14 G   14 14 14 G   G  A . n 
A 1 15 A   15 15 15 A   A  A . n 
A 1 16 G   16 16 16 G   G  A . n 
A 1 17 A   17 17 17 A   A  A . n 
A 1 18 G   18 18 18 G   G  A . n 
A 1 19 G   19 19 19 G   G  A . n 
A 1 20 A   20 20 20 A   A  A . n 
A 1 21 A   21 21 21 A   A  A . n 
A 1 22 C   22 22 22 C   C  A . n 
A 1 23 C   23 23 23 C   C  A . n 
A 1 24 G   24 24 24 G   G  A . n 
A 1 25 C   25 25 25 C   C  A . n 
A 1 26 A   26 26 26 A   A  A . n 
A 1 27 CBV 27 27 27 CBV +C A . n 
A 1 28 C   28 28 28 C   C  A . n 
A 1 29 C   29 29 29 C   C  A . n 
# 
loop_
_pdbx_nonpoly_scheme.asym_id 
_pdbx_nonpoly_scheme.entity_id 
_pdbx_nonpoly_scheme.mon_id 
_pdbx_nonpoly_scheme.ndb_seq_num 
_pdbx_nonpoly_scheme.pdb_seq_num 
_pdbx_nonpoly_scheme.auth_seq_num 
_pdbx_nonpoly_scheme.pdb_mon_id 
_pdbx_nonpoly_scheme.auth_mon_id 
_pdbx_nonpoly_scheme.pdb_strand_id 
_pdbx_nonpoly_scheme.pdb_ins_code 
B 2 MG  1 31  31  MG  MG  A . 
C 2 MG  1 32  32  MG  MG  A . 
D 2 MG  1 33  33  MG  MG  A . 
E 2 MG  1 34  34  MG  MG  A . 
F 2 MG  1 35  35  MG  MG  A . 
G 2 MG  1 36  36  MG  MG  A . 
H 2 MG  1 37  37  MG  MG  A . 
I 2 MG  1 38  38  MG  MG  A . 
J 2 MG  1 39  39  MG  MG  A . 
K 3 HOH 1 101 101 HOH HOH A . 
K 3 HOH 2 102 102 HOH HOH A . 
K 3 HOH 3 103 103 HOH HOH A . 
K 3 HOH 4 104 104 HOH HOH A . 
K 3 HOH 5 105 105 HOH HOH A . 
K 3 HOH 6 106 106 HOH HOH A . 
K 3 HOH 7 107 107 HOH HOH A . 
K 3 HOH 8 108 108 HOH HOH A . 
K 3 HOH 9 109 109 HOH HOH A . 
# 
_pdbx_unobs_or_zero_occ_atoms.id               1 
_pdbx_unobs_or_zero_occ_atoms.PDB_model_num    1 
_pdbx_unobs_or_zero_occ_atoms.polymer_flag     Y 
_pdbx_unobs_or_zero_occ_atoms.occupancy_flag   0 
_pdbx_unobs_or_zero_occ_atoms.auth_asym_id     A 
_pdbx_unobs_or_zero_occ_atoms.auth_comp_id     CBV 
_pdbx_unobs_or_zero_occ_atoms.auth_seq_id      27 
_pdbx_unobs_or_zero_occ_atoms.PDB_ins_code     ? 
_pdbx_unobs_or_zero_occ_atoms.auth_atom_id     "O2'" 
_pdbx_unobs_or_zero_occ_atoms.label_alt_id     ? 
_pdbx_unobs_or_zero_occ_atoms.label_asym_id    A 
_pdbx_unobs_or_zero_occ_atoms.label_comp_id    CBV 
_pdbx_unobs_or_zero_occ_atoms.label_seq_id     27 
_pdbx_unobs_or_zero_occ_atoms.label_atom_id    "O2'" 
# 
loop_
_software.name 
_software.classification 
_software.version 
_software.citation_id 
_software.pdbx_ordinal 
MLPHARE phasing          .         ? 1 
CNS     refinement       .         ? 2 
MOSFLM  'data reduction' .         ? 3 
CCP4    'data scaling'   '(SCALA)' ? 4 
# 
_cell.entry_id           430D 
_cell.length_a           56.830 
_cell.length_b           56.830 
_cell.length_c           107.960 
_cell.angle_alpha        90.00 
_cell.angle_beta         90.00 
_cell.angle_gamma        120.00 
_cell.Z_PDB              12 
_cell.pdbx_unique_axis   ? 
# 
_symmetry.entry_id                         430D 
_symmetry.space_group_name_H-M             'P 61 2 2' 
_symmetry.pdbx_full_space_group_name_H-M   ? 
_symmetry.cell_setting                     hexagonal 
_symmetry.Int_Tables_number                178 
# 
_exptl.entry_id          430D 
_exptl.method            'X-RAY DIFFRACTION' 
_exptl.crystals_number   1 
# 
_exptl_crystal.id                    1 
_exptl_crystal.density_meas          ? 
_exptl_crystal.density_percent_sol   54.17 
_exptl_crystal.density_Matthews      2.68 
_exptl_crystal.description           ? 
# 
_exptl_crystal_grow.crystal_id      1 
_exptl_crystal_grow.method          ? 
_exptl_crystal_grow.temp            ? 
_exptl_crystal_grow.temp_details    ? 
_exptl_crystal_grow.pH              7.0 
_exptl_crystal_grow.pdbx_details    'pH 7.0' 
_exptl_crystal_grow.pdbx_pH_range   ? 
# 
_diffrn.id                     1 
_diffrn.ambient_temp           100.0 
_diffrn.ambient_temp_details   ? 
_diffrn.crystal_id             1 
# 
_diffrn_detector.diffrn_id              1 
_diffrn_detector.detector               CCD 
_diffrn_detector.type                   ADSC 
_diffrn_detector.pdbx_collection_date   1997-11-15 
_diffrn_detector.details                'SILICON 111 BENDING MIRRO' 
# 
_diffrn_radiation.diffrn_id                        1 
_diffrn_radiation.wavelength_id                    1 
_diffrn_radiation.pdbx_monochromatic_or_laue_m_l   M 
_diffrn_radiation.monochromator                    ? 
_diffrn_radiation.pdbx_diffrn_protocol             'SINGLE WAVELENGTH' 
_diffrn_radiation.pdbx_scattering_type             x-ray 
# 
_diffrn_radiation_wavelength.id           1 
_diffrn_radiation_wavelength.wavelength   . 
_diffrn_radiation_wavelength.wt           1.0 
# 
_diffrn_source.diffrn_id                   1 
_diffrn_source.source                      SYNCHROTRON 
_diffrn_source.type                        'CHESS BEAMLINE A1' 
_diffrn_source.pdbx_synchrotron_site       CHESS 
_diffrn_source.pdbx_synchrotron_beamline   A1 
_diffrn_source.pdbx_wavelength             ? 
_diffrn_source.pdbx_wavelength_list        ? 
# 
_reflns.entry_id                     430D 
_reflns.observed_criterion_sigma_I   -3.0 
_reflns.observed_criterion_sigma_F   ? 
_reflns.d_resolution_low             30.0 
_reflns.d_resolution_high            2.1 
_reflns.number_obs                   5854 
_reflns.number_all                   ? 
_reflns.percent_possible_obs         89.6 
_reflns.pdbx_Rmerge_I_obs            0.043 
_reflns.pdbx_Rsym_value              0.043 
_reflns.pdbx_netI_over_sigmaI        32.5 
_reflns.B_iso_Wilson_estimate        59.6 
_reflns.pdbx_redundancy              3.8 
_reflns.R_free_details               ? 
_reflns.pdbx_diffrn_id               1 
_reflns.pdbx_ordinal                 1 
# 
_reflns_shell.d_res_high             2.10 
_reflns_shell.d_res_low              2.18 
_reflns_shell.percent_possible_all   88.8 
_reflns_shell.Rmerge_I_obs           0.217 
_reflns_shell.pdbx_Rsym_value        0.217 
_reflns_shell.meanI_over_sigI_obs    1.9 
_reflns_shell.pdbx_redundancy        ? 
_reflns_shell.percent_possible_obs   ? 
_reflns_shell.number_unique_all      ? 
_reflns_shell.pdbx_diffrn_id         ? 
_reflns_shell.pdbx_ordinal           1 
# 
_refine.entry_id                                 430D 
_refine.ls_number_reflns_obs                     6036 
_refine.ls_number_reflns_all                     ? 
_refine.pdbx_ls_sigma_I                          ? 
_refine.pdbx_ls_sigma_F                          0.0 
_refine.pdbx_data_cutoff_high_absF               30991867.71 
_refine.pdbx_data_cutoff_low_absF                0.0 
_refine.pdbx_data_cutoff_high_rms_absF           ? 
_refine.ls_d_res_low                             30.00 
_refine.ls_d_res_high                            2.10 
_refine.ls_percent_reflns_obs                    92.7 
_refine.ls_R_factor_obs                          0.28 
_refine.ls_R_factor_all                          ? 
_refine.ls_R_factor_R_work                       0.28 
_refine.ls_R_factor_R_free                       0.33 
_refine.ls_R_factor_R_free_error                 0.013 
_refine.ls_R_factor_R_free_error_details         ? 
_refine.ls_percent_reflns_R_free                 9.9 
_refine.ls_number_reflns_R_free                  646 
_refine.ls_number_parameters                     ? 
_refine.ls_number_restraints                     ? 
_refine.occupancy_min                            ? 
_refine.occupancy_max                            ? 
_refine.B_iso_mean                               60.3 
_refine.aniso_B[1][1]                            1.48 
_refine.aniso_B[2][2]                            1.48 
_refine.aniso_B[3][3]                            -2.97 
_refine.aniso_B[1][2]                            3.31 
_refine.aniso_B[1][3]                            0.00 
_refine.aniso_B[2][3]                            0.00 
_refine.solvent_model_details                    ? 
_refine.solvent_model_param_ksol                 ? 
_refine.solvent_model_param_bsol                 ? 
_refine.pdbx_ls_cross_valid_method               THROUGHOUT 
_refine.details                                  ? 
_refine.pdbx_starting_model                      ? 
_refine.pdbx_method_to_determine_struct          'MAD PHASING METHOD' 
_refine.pdbx_isotropic_thermal_model             ? 
_refine.pdbx_stereochemistry_target_values       ? 
_refine.pdbx_stereochem_target_val_spec_case     ? 
_refine.pdbx_R_Free_selection_details            RANDOM 
_refine.pdbx_overall_ESU_R                       ? 
_refine.pdbx_overall_ESU_R_Free                  ? 
_refine.overall_SU_ML                            ? 
_refine.overall_SU_B                             ? 
_refine.ls_redundancy_reflns_obs                 ? 
_refine.correlation_coeff_Fo_to_Fc               ? 
_refine.correlation_coeff_Fo_to_Fc_free          ? 
_refine.overall_SU_R_Cruickshank_DPI             ? 
_refine.overall_SU_R_free                        ? 
_refine.pdbx_refine_id                           'X-RAY DIFFRACTION' 
_refine.pdbx_diffrn_id                           1 
_refine.pdbx_TLS_residual_ADP_flag               ? 
_refine.pdbx_solvent_vdw_probe_radii             ? 
_refine.pdbx_solvent_ion_probe_radii             ? 
_refine.pdbx_solvent_shrinkage_radii             ? 
_refine.pdbx_overall_phase_error                 ? 
_refine.pdbx_overall_SU_R_free_Cruickshank_DPI   ? 
_refine.pdbx_overall_SU_R_Blow_DPI               ? 
_refine.pdbx_overall_SU_R_free_Blow_DPI          ? 
# 
_refine_analyze.entry_id                        430D 
_refine_analyze.Luzzati_coordinate_error_obs    0.41 
_refine_analyze.Luzzati_sigma_a_obs             0.59 
_refine_analyze.Luzzati_d_res_low_obs           5.00 
_refine_analyze.Luzzati_coordinate_error_free   0.33 
_refine_analyze.Luzzati_sigma_a_free            0.63 
_refine_analyze.Luzzati_d_res_low_free          ? 
_refine_analyze.number_disordered_residues      ? 
_refine_analyze.occupancy_sum_hydrogen          ? 
_refine_analyze.occupancy_sum_non_hydrogen      ? 
_refine_analyze.pdbx_refine_id                  'X-RAY DIFFRACTION' 
# 
_refine_hist.pdbx_refine_id                   'X-RAY DIFFRACTION' 
_refine_hist.cycle_id                         LAST 
_refine_hist.pdbx_number_atoms_protein        0 
_refine_hist.pdbx_number_atoms_nucleic_acid   621 
_refine_hist.pdbx_number_atoms_ligand         10 
_refine_hist.number_atoms_solvent             9 
_refine_hist.number_atoms_total               640 
_refine_hist.d_res_high                       2.10 
_refine_hist.d_res_low                        30.00 
# 
loop_
_refine_ls_restr.type 
_refine_ls_restr.dev_ideal 
_refine_ls_restr.dev_ideal_target 
_refine_ls_restr.weight 
_refine_ls_restr.number 
_refine_ls_restr.pdbx_refine_id 
_refine_ls_restr.pdbx_restraint_function 
c_bond_d                0.009 ? ? ? 'X-RAY DIFFRACTION' ? 
c_bond_d_na             ?     ? ? ? 'X-RAY DIFFRACTION' ? 
c_bond_d_prot           ?     ? ? ? 'X-RAY DIFFRACTION' ? 
c_angle_d               ?     ? ? ? 'X-RAY DIFFRACTION' ? 
c_angle_d_na            ?     ? ? ? 'X-RAY DIFFRACTION' ? 
c_angle_d_prot          ?     ? ? ? 'X-RAY DIFFRACTION' ? 
c_angle_deg             1.4   ? ? ? 'X-RAY DIFFRACTION' ? 
c_angle_deg_na          ?     ? ? ? 'X-RAY DIFFRACTION' ? 
c_angle_deg_prot        ?     ? ? ? 'X-RAY DIFFRACTION' ? 
c_dihedral_angle_d      30.8  ? ? ? 'X-RAY DIFFRACTION' ? 
c_dihedral_angle_d_na   ?     ? ? ? 'X-RAY DIFFRACTION' ? 
c_dihedral_angle_d_prot ?     ? ? ? 'X-RAY DIFFRACTION' ? 
c_improper_angle_d      1.36  ? ? ? 'X-RAY DIFFRACTION' ? 
c_improper_angle_d_na   ?     ? ? ? 'X-RAY DIFFRACTION' ? 
c_improper_angle_d_prot ?     ? ? ? 'X-RAY DIFFRACTION' ? 
c_mcbond_it             ?     ? ? ? 'X-RAY DIFFRACTION' ? 
c_mcangle_it            ?     ? ? ? 'X-RAY DIFFRACTION' ? 
c_scbond_it             ?     ? ? ? 'X-RAY DIFFRACTION' ? 
c_scangle_it            ?     ? ? ? 'X-RAY DIFFRACTION' ? 
# 
_refine_ls_shell.pdbx_total_number_of_bins_used   12 
_refine_ls_shell.d_res_high                       2.10 
_refine_ls_shell.d_res_low                        2.16 
_refine_ls_shell.number_reflns_R_work             414 
_refine_ls_shell.R_factor_R_work                  0.519 
_refine_ls_shell.percent_reflns_obs               90.4 
_refine_ls_shell.R_factor_R_free                  0.593 
_refine_ls_shell.R_factor_R_free_error            0.092 
_refine_ls_shell.percent_reflns_R_free            10.4 
_refine_ls_shell.number_reflns_R_free             48 
_refine_ls_shell.redundancy_reflns_obs            ? 
_refine_ls_shell.pdbx_refine_id                   'X-RAY DIFFRACTION' 
_refine_ls_shell.number_reflns_all                ? 
_refine_ls_shell.R_factor_all                     ? 
# 
loop_
_pdbx_xplor_file.serial_no 
_pdbx_xplor_file.param_file 
_pdbx_xplor_file.topol_file 
_pdbx_xplor_file.pdbx_refine_id 
1 DNA-RNA-MULTI-ENDO.PARAM DNA-RNA-MULTI-ENDO.TOP 'X-RAY DIFFRACTION' 
2 MG.PARAM                 MG.PARAM               'X-RAY DIFFRACTION' 
3 BR.PARAM                 BR.PARAM               'X-RAY DIFFRACTION' 
# 
_struct.entry_id                  430D 
_struct.title                     'STRUCTURE OF SARCIN/RICIN LOOP FROM RAT 28S RRNA' 
_struct.pdbx_model_details        ? 
_struct.pdbx_CASP_flag            ? 
_struct.pdbx_model_type_details   ? 
# 
_struct_keywords.entry_id        430D 
_struct_keywords.pdbx_keywords   RNA 
_struct_keywords.text            
'U-RNA, DOUBLE HELIX, HAIRPIN, BLUNT STEM, TETRALOOP MISMATCHED, BASE TRIPLE, RIBONUCLEIC ACID, RNA' 
# 
loop_
_struct_asym.id 
_struct_asym.pdbx_blank_PDB_chainid_flag 
_struct_asym.pdbx_modified 
_struct_asym.entity_id 
_struct_asym.details 
A N N 1 ? 
B N N 2 ? 
C N N 2 ? 
D N N 2 ? 
E N N 2 ? 
F N N 2 ? 
G N N 2 ? 
H N N 2 ? 
I N N 2 ? 
J N N 2 ? 
K N N 3 ? 
# 
_struct_ref.id                         1 
_struct_ref.entity_id                  1 
_struct_ref.db_name                    PDB 
_struct_ref.db_code                    430D 
_struct_ref.pdbx_db_accession          430D 
_struct_ref.pdbx_db_isoform            ? 
_struct_ref.pdbx_seq_one_letter_code   ? 
_struct_ref.pdbx_align_begin           ? 
# 
_struct_ref_seq.align_id                      1 
_struct_ref_seq.ref_id                        1 
_struct_ref_seq.pdbx_PDB_id_code              430D 
_struct_ref_seq.pdbx_strand_id                A 
_struct_ref_seq.seq_align_beg                 1 
_struct_ref_seq.pdbx_seq_align_beg_ins_code   ? 
_struct_ref_seq.seq_align_end                 29 
_struct_ref_seq.pdbx_seq_align_end_ins_code   ? 
_struct_ref_seq.pdbx_db_accession             430D 
_struct_ref_seq.db_align_beg                  1 
_struct_ref_seq.pdbx_db_align_beg_ins_code    ? 
_struct_ref_seq.db_align_end                  29 
_struct_ref_seq.pdbx_db_align_end_ins_code    ? 
_struct_ref_seq.pdbx_auth_seq_align_beg       1 
_struct_ref_seq.pdbx_auth_seq_align_end       29 
# 
_pdbx_struct_assembly.id                   1 
_pdbx_struct_assembly.details              author_defined_assembly 
_pdbx_struct_assembly.method_details       ? 
_pdbx_struct_assembly.oligomeric_details   monomeric 
_pdbx_struct_assembly.oligomeric_count     1 
# 
_pdbx_struct_assembly_gen.assembly_id       1 
_pdbx_struct_assembly_gen.oper_expression   1 
_pdbx_struct_assembly_gen.asym_id_list      A,B,C,D,E,F,G,H,I,J,K 
# 
_pdbx_struct_oper_list.id                   1 
_pdbx_struct_oper_list.type                 'identity operation' 
_pdbx_struct_oper_list.name                 1_555 
_pdbx_struct_oper_list.symmetry_operation   x,y,z 
_pdbx_struct_oper_list.matrix[1][1]         1.0000000000 
_pdbx_struct_oper_list.matrix[1][2]         0.0000000000 
_pdbx_struct_oper_list.matrix[1][3]         0.0000000000 
_pdbx_struct_oper_list.vector[1]            0.0000000000 
_pdbx_struct_oper_list.matrix[2][1]         0.0000000000 
_pdbx_struct_oper_list.matrix[2][2]         1.0000000000 
_pdbx_struct_oper_list.matrix[2][3]         0.0000000000 
_pdbx_struct_oper_list.vector[2]            0.0000000000 
_pdbx_struct_oper_list.matrix[3][1]         0.0000000000 
_pdbx_struct_oper_list.matrix[3][2]         0.0000000000 
_pdbx_struct_oper_list.matrix[3][3]         1.0000000000 
_pdbx_struct_oper_list.vector[3]            0.0000000000 
# 
loop_
_struct_conn.id 
_struct_conn.conn_type_id 
_struct_conn.pdbx_leaving_atom_flag 
_struct_conn.pdbx_PDB_id 
_struct_conn.ptnr1_label_asym_id 
_struct_conn.ptnr1_label_comp_id 
_struct_conn.ptnr1_label_seq_id 
_struct_conn.ptnr1_label_atom_id 
_struct_conn.pdbx_ptnr1_label_alt_id 
_struct_conn.pdbx_ptnr1_PDB_ins_code 
_struct_conn.pdbx_ptnr1_standard_comp_id 
_struct_conn.ptnr1_symmetry 
_struct_conn.ptnr2_label_asym_id 
_struct_conn.ptnr2_label_comp_id 
_struct_conn.ptnr2_label_seq_id 
_struct_conn.ptnr2_label_atom_id 
_struct_conn.pdbx_ptnr2_label_alt_id 
_struct_conn.pdbx_ptnr2_PDB_ins_code 
_struct_conn.ptnr1_auth_asym_id 
_struct_conn.ptnr1_auth_comp_id 
_struct_conn.ptnr1_auth_seq_id 
_struct_conn.ptnr2_auth_asym_id 
_struct_conn.ptnr2_auth_comp_id 
_struct_conn.ptnr2_auth_seq_id 
_struct_conn.ptnr2_symmetry 
_struct_conn.pdbx_ptnr3_label_atom_id 
_struct_conn.pdbx_ptnr3_label_seq_id 
_struct_conn.pdbx_ptnr3_label_comp_id 
_struct_conn.pdbx_ptnr3_label_asym_id 
_struct_conn.pdbx_ptnr3_label_alt_id 
_struct_conn.pdbx_ptnr3_PDB_ins_code 
_struct_conn.details 
_struct_conn.pdbx_dist_value 
_struct_conn.pdbx_value_order 
_struct_conn.pdbx_role 
covale1  covale both ? A A   26 "O3'" ? ? ? 1_555 A CBV 27 P  ? ? A A   26 A CBV 27  1_555 ? ? ? ? ? ? ?                    1.607 
? ? 
covale2  covale one  ? A CBV 27 "O3'" ? ? ? 1_555 A C   28 P  ? ? A CBV 27 A C   28  1_555 ? ? ? ? ? ? ?                    1.588 
? ? 
metalc1  metalc ?    ? A A   12 OP2   ? ? ? 1_555 F MG  .  MG ? ? A A   12 A MG  35  1_555 ? ? ? ? ? ? ?                    2.330 
? ? 
metalc2  metalc ?    ? A C   13 N4    ? ? ? 1_555 F MG  .  MG ? ? A C   13 A MG  35  1_555 ? ? ? ? ? ? ?                    2.831 
? ? 
metalc3  metalc ?    ? A G   24 P     ? ? ? 1_555 D MG  .  MG ? ? A G   24 A MG  33  1_555 ? ? ? ? ? ? ?                    2.693 
? ? 
metalc4  metalc ?    ? A G   24 OP1   ? ? ? 1_555 D MG  .  MG ? ? A G   24 A MG  33  1_555 ? ? ? ? ? ? ?                    2.232 
? ? 
metalc5  metalc ?    ? A G   24 "O5'" ? ? ? 1_555 D MG  .  MG ? ? A G   24 A MG  33  1_555 ? ? ? ? ? ? ?                    2.898 
? ? 
metalc6  metalc ?    ? C MG  .  MG    ? ? ? 1_555 K HOH .  O  ? ? A MG  32 A HOH 107 1_555 ? ? ? ? ? ? ?                    2.195 
? ? 
hydrog1  hydrog ?    ? A G   1  N1    ? ? ? 1_555 A C   29 N3 ? ? A G   1  A C   29  1_555 ? ? ? ? ? ? WATSON-CRICK         ?     
? ? 
hydrog2  hydrog ?    ? A G   1  N2    ? ? ? 1_555 A C   29 O2 ? ? A G   1  A C   29  1_555 ? ? ? ? ? ? WATSON-CRICK         ?     
? ? 
hydrog3  hydrog ?    ? A G   1  O6    ? ? ? 1_555 A C   29 N4 ? ? A G   1  A C   29  1_555 ? ? ? ? ? ? WATSON-CRICK         ?     
? ? 
hydrog4  hydrog ?    ? A G   2  N1    ? ? ? 1_555 A C   28 N3 ? ? A G   2  A C   28  1_555 ? ? ? ? ? ? WATSON-CRICK         ?     
? ? 
hydrog5  hydrog ?    ? A G   2  N2    ? ? ? 1_555 A C   28 O2 ? ? A G   2  A C   28  1_555 ? ? ? ? ? ? WATSON-CRICK         ?     
? ? 
hydrog6  hydrog ?    ? A G   2  O6    ? ? ? 1_555 A C   28 N4 ? ? A G   2  A C   28  1_555 ? ? ? ? ? ? WATSON-CRICK         ?     
? ? 
hydrog7  hydrog ?    ? A G   3  N1    ? ? ? 1_555 A CBV 27 N3 ? ? A G   3  A CBV 27  1_555 ? ? ? ? ? ? WATSON-CRICK         ?     
? ? 
hydrog8  hydrog ?    ? A G   3  N2    ? ? ? 1_555 A CBV 27 O2 ? ? A G   3  A CBV 27  1_555 ? ? ? ? ? ? WATSON-CRICK         ?     
? ? 
hydrog9  hydrog ?    ? A G   3  O6    ? ? ? 1_555 A CBV 27 N4 ? ? A G   3  A CBV 27  1_555 ? ? ? ? ? ? WATSON-CRICK         ?     
? ? 
hydrog10 hydrog ?    ? A U   4  N3    ? ? ? 1_555 A A   26 N1 ? ? A U   4  A A   26  1_555 ? ? ? ? ? ? WATSON-CRICK         ?     
? ? 
hydrog11 hydrog ?    ? A U   4  O4    ? ? ? 1_555 A A   26 N6 ? ? A U   4  A A   26  1_555 ? ? ? ? ? ? WATSON-CRICK         ?     
? ? 
hydrog12 hydrog ?    ? A G   5  N1    ? ? ? 1_555 A C   25 N3 ? ? A G   5  A C   25  1_555 ? ? ? ? ? ? WATSON-CRICK         ?     
? ? 
hydrog13 hydrog ?    ? A G   5  N2    ? ? ? 1_555 A C   25 O2 ? ? A G   5  A C   25  1_555 ? ? ? ? ? ? WATSON-CRICK         ?     
? ? 
hydrog14 hydrog ?    ? A G   5  O6    ? ? ? 1_555 A C   25 N4 ? ? A G   5  A C   25  1_555 ? ? ? ? ? ? WATSON-CRICK         ?     
? ? 
hydrog15 hydrog ?    ? A C   6  N3    ? ? ? 1_555 A G   24 N1 ? ? A C   6  A G   24  1_555 ? ? ? ? ? ? WATSON-CRICK         ?     
? ? 
hydrog16 hydrog ?    ? A C   6  N4    ? ? ? 1_555 A G   24 O6 ? ? A C   6  A G   24  1_555 ? ? ? ? ? ? WATSON-CRICK         ?     
? ? 
hydrog17 hydrog ?    ? A C   6  O2    ? ? ? 1_555 A G   24 N2 ? ? A C   6  A G   24  1_555 ? ? ? ? ? ? WATSON-CRICK         ?     
? ? 
hydrog18 hydrog ?    ? A U   7  O2    ? ? ? 1_555 A C   23 N4 ? ? A U   7  A C   23  1_555 ? ? ? ? ? ? 'U-C MISPAIR'        ?     
? ? 
hydrog19 hydrog ?    ? A C   8  O2    ? ? ? 1_555 A C   23 N4 ? ? A C   8  A C   23  1_555 ? ? ? ? ? ? 'C-C MISPAIR'        ?     
? ? 
hydrog20 hydrog ?    ? A A   9  N6    ? ? ? 1_555 A A   21 N7 ? ? A A   9  A A   21  1_555 ? ? ? ? ? ? TYPE_2_PAIR          ?     
? ? 
hydrog21 hydrog ?    ? A A   9  N7    ? ? ? 1_555 A A   21 N6 ? ? A A   9  A A   21  1_555 ? ? ? ? ? ? TYPE_2_PAIR          ?     
? ? 
hydrog22 hydrog ?    ? A G   10 N2    ? ? ? 1_555 A U   11 O4 ? ? A G   10 A U   11  1_555 ? ? ? ? ? ? 'G-U MISPAIR'        ?     
? ? 
hydrog23 hydrog ?    ? A U   11 N3    ? ? ? 1_555 A A   20 N7 ? ? A U   11 A A   20  1_555 ? ? ? ? ? ? 'REVERSED HOOGSTEEN' ?     
? ? 
hydrog24 hydrog ?    ? A U   11 O2    ? ? ? 1_555 A A   20 N6 ? ? A U   11 A A   20  1_555 ? ? ? ? ? ? 'REVERSED HOOGSTEEN' ?     
? ? 
hydrog25 hydrog ?    ? A U   11 O2    ? ? ? 1_555 A A   21 N6 ? ? A U   11 A A   21  1_555 ? ? ? ? ? ? 'U-A PAIR'           ?     
? ? 
hydrog26 hydrog ?    ? A A   12 N6    ? ? ? 1_555 A G   19 N3 ? ? A A   12 A G   19  1_555 ? ? ? ? ? ? TYPE_11_PAIR         ?     
? ? 
hydrog27 hydrog ?    ? A A   12 N7    ? ? ? 1_555 A G   19 N2 ? ? A A   12 A G   19  1_555 ? ? ? ? ? ? TYPE_11_PAIR         ?     
? ? 
hydrog28 hydrog ?    ? A C   13 N3    ? ? ? 1_555 A G   18 N1 ? ? A C   13 A G   18  1_555 ? ? ? ? ? ? WATSON-CRICK         ?     
? ? 
hydrog29 hydrog ?    ? A C   13 N4    ? ? ? 1_555 A G   18 O6 ? ? A C   13 A G   18  1_555 ? ? ? ? ? ? WATSON-CRICK         ?     
? ? 
hydrog30 hydrog ?    ? A C   13 O2    ? ? ? 1_555 A G   18 N2 ? ? A C   13 A G   18  1_555 ? ? ? ? ? ? WATSON-CRICK         ?     
? ? 
hydrog31 hydrog ?    ? A G   14 N2    ? ? ? 1_555 A A   17 N7 ? ? A G   14 A A   17  1_555 ? ? ? ? ? ? 'G-A MISPAIR'        ?     
? ? 
# 
loop_
_struct_conn_type.id 
_struct_conn_type.criteria 
_struct_conn_type.reference 
covale ? ? 
metalc ? ? 
hydrog ? ? 
# 
loop_
_pdbx_struct_conn_angle.id 
_pdbx_struct_conn_angle.ptnr1_label_atom_id 
_pdbx_struct_conn_angle.ptnr1_label_alt_id 
_pdbx_struct_conn_angle.ptnr1_label_asym_id 
_pdbx_struct_conn_angle.ptnr1_label_comp_id 
_pdbx_struct_conn_angle.ptnr1_label_seq_id 
_pdbx_struct_conn_angle.ptnr1_auth_atom_id 
_pdbx_struct_conn_angle.ptnr1_auth_asym_id 
_pdbx_struct_conn_angle.ptnr1_auth_comp_id 
_pdbx_struct_conn_angle.ptnr1_auth_seq_id 
_pdbx_struct_conn_angle.ptnr1_PDB_ins_code 
_pdbx_struct_conn_angle.ptnr1_symmetry 
_pdbx_struct_conn_angle.ptnr2_label_atom_id 
_pdbx_struct_conn_angle.ptnr2_label_alt_id 
_pdbx_struct_conn_angle.ptnr2_label_asym_id 
_pdbx_struct_conn_angle.ptnr2_label_comp_id 
_pdbx_struct_conn_angle.ptnr2_label_seq_id 
_pdbx_struct_conn_angle.ptnr2_auth_atom_id 
_pdbx_struct_conn_angle.ptnr2_auth_asym_id 
_pdbx_struct_conn_angle.ptnr2_auth_comp_id 
_pdbx_struct_conn_angle.ptnr2_auth_seq_id 
_pdbx_struct_conn_angle.ptnr2_PDB_ins_code 
_pdbx_struct_conn_angle.ptnr2_symmetry 
_pdbx_struct_conn_angle.ptnr3_label_atom_id 
_pdbx_struct_conn_angle.ptnr3_label_alt_id 
_pdbx_struct_conn_angle.ptnr3_label_asym_id 
_pdbx_struct_conn_angle.ptnr3_label_comp_id 
_pdbx_struct_conn_angle.ptnr3_label_seq_id 
_pdbx_struct_conn_angle.ptnr3_auth_atom_id 
_pdbx_struct_conn_angle.ptnr3_auth_asym_id 
_pdbx_struct_conn_angle.ptnr3_auth_comp_id 
_pdbx_struct_conn_angle.ptnr3_auth_seq_id 
_pdbx_struct_conn_angle.ptnr3_PDB_ins_code 
_pdbx_struct_conn_angle.ptnr3_symmetry 
_pdbx_struct_conn_angle.value 
_pdbx_struct_conn_angle.value_esd 
1 OP2 ? A A 12 ? A A 12 ? 1_555 MG ? F MG . ? A MG 35 ? 1_555 N4    ? A C 13 ? A C 13 ? 1_555 135.7 ? 
2 P   ? A G 24 ? A G 24 ? 1_555 MG ? D MG . ? A MG 33 ? 1_555 OP1   ? A G 24 ? A G 24 ? 1_555 33.8  ? 
3 P   ? A G 24 ? A G 24 ? 1_555 MG ? D MG . ? A MG 33 ? 1_555 "O5'" ? A G 24 ? A G 24 ? 1_555 32.7  ? 
4 OP1 ? A G 24 ? A G 24 ? 1_555 MG ? D MG . ? A MG 33 ? 1_555 "O5'" ? A G 24 ? A G 24 ? 1_555 55.4  ? 
# 
loop_
_struct_site.id 
_struct_site.pdbx_evidence_code 
_struct_site.pdbx_auth_asym_id 
_struct_site.pdbx_auth_comp_id 
_struct_site.pdbx_auth_seq_id 
_struct_site.pdbx_auth_ins_code 
_struct_site.pdbx_num_residues 
_struct_site.details 
AC1 Software A MG 31 ? 2 'BINDING SITE FOR RESIDUE MG A 31' 
AC2 Software A MG 32 ? 2 'BINDING SITE FOR RESIDUE MG A 32' 
AC3 Software A MG 33 ? 1 'BINDING SITE FOR RESIDUE MG A 33' 
AC4 Software A MG 34 ? 1 'BINDING SITE FOR RESIDUE MG A 34' 
AC5 Software A MG 35 ? 3 'BINDING SITE FOR RESIDUE MG A 35' 
AC6 Software A MG 36 ? 1 'BINDING SITE FOR RESIDUE MG A 36' 
AC7 Software A MG 38 ? 1 'BINDING SITE FOR RESIDUE MG A 38' 
# 
loop_
_struct_site_gen.id 
_struct_site_gen.site_id 
_struct_site_gen.pdbx_num_res 
_struct_site_gen.label_comp_id 
_struct_site_gen.label_asym_id 
_struct_site_gen.label_seq_id 
_struct_site_gen.pdbx_auth_ins_code 
_struct_site_gen.auth_comp_id 
_struct_site_gen.auth_asym_id 
_struct_site_gen.auth_seq_id 
_struct_site_gen.label_atom_id 
_struct_site_gen.label_alt_id 
_struct_site_gen.symmetry 
_struct_site_gen.details 
1  AC1 2 C   A 23 ? C   A 23  . ? 1_555 ? 
2  AC1 2 G   A 24 ? G   A 24  . ? 1_555 ? 
3  AC2 2 G   A 16 ? G   A 16  . ? 1_555 ? 
4  AC2 2 HOH K .  ? HOH A 107 . ? 1_555 ? 
5  AC3 1 G   A 24 ? G   A 24  . ? 1_555 ? 
6  AC4 1 C   A 28 ? C   A 28  . ? 1_555 ? 
7  AC5 3 U   A 11 ? U   A 11  . ? 1_555 ? 
8  AC5 3 A   A 12 ? A   A 12  . ? 1_555 ? 
9  AC5 3 C   A 13 ? C   A 13  . ? 1_555 ? 
10 AC6 1 C   A 29 ? C   A 29  . ? 1_555 ? 
11 AC7 1 C   A 25 ? C   A 25  . ? 1_555 ? 
# 
_pdbx_validate_rmsd_angle.id                         1 
_pdbx_validate_rmsd_angle.PDB_model_num              1 
_pdbx_validate_rmsd_angle.auth_atom_id_1             "C5'" 
_pdbx_validate_rmsd_angle.auth_asym_id_1             A 
_pdbx_validate_rmsd_angle.auth_comp_id_1             C 
_pdbx_validate_rmsd_angle.auth_seq_id_1              6 
_pdbx_validate_rmsd_angle.PDB_ins_code_1             ? 
_pdbx_validate_rmsd_angle.label_alt_id_1             ? 
_pdbx_validate_rmsd_angle.auth_atom_id_2             "C4'" 
_pdbx_validate_rmsd_angle.auth_asym_id_2             A 
_pdbx_validate_rmsd_angle.auth_comp_id_2             C 
_pdbx_validate_rmsd_angle.auth_seq_id_2              6 
_pdbx_validate_rmsd_angle.PDB_ins_code_2             ? 
_pdbx_validate_rmsd_angle.label_alt_id_2             ? 
_pdbx_validate_rmsd_angle.auth_atom_id_3             "O4'" 
_pdbx_validate_rmsd_angle.auth_asym_id_3             A 
_pdbx_validate_rmsd_angle.auth_comp_id_3             C 
_pdbx_validate_rmsd_angle.auth_seq_id_3              6 
_pdbx_validate_rmsd_angle.PDB_ins_code_3             ? 
_pdbx_validate_rmsd_angle.label_alt_id_3             ? 
_pdbx_validate_rmsd_angle.angle_value                115.22 
_pdbx_validate_rmsd_angle.angle_target_value         109.80 
_pdbx_validate_rmsd_angle.angle_deviation            5.42 
_pdbx_validate_rmsd_angle.angle_standard_deviation   0.90 
_pdbx_validate_rmsd_angle.linker_flag                N 
# 
_pdbx_struct_mod_residue.id               1 
_pdbx_struct_mod_residue.label_asym_id    A 
_pdbx_struct_mod_residue.label_comp_id    CBV 
_pdbx_struct_mod_residue.label_seq_id     27 
_pdbx_struct_mod_residue.auth_asym_id     A 
_pdbx_struct_mod_residue.auth_comp_id     CBV 
_pdbx_struct_mod_residue.auth_seq_id      27 
_pdbx_struct_mod_residue.PDB_ins_code     ? 
_pdbx_struct_mod_residue.parent_comp_id   C 
_pdbx_struct_mod_residue.details          ? 
# 
loop_
_chem_comp_atom.comp_id 
_chem_comp_atom.atom_id 
_chem_comp_atom.type_symbol 
_chem_comp_atom.pdbx_aromatic_flag 
_chem_comp_atom.pdbx_stereo_config 
_chem_comp_atom.pdbx_ordinal 
A   OP3    O  N N 1   
A   P      P  N N 2   
A   OP1    O  N N 3   
A   OP2    O  N N 4   
A   "O5'"  O  N N 5   
A   "C5'"  C  N N 6   
A   "C4'"  C  N R 7   
A   "O4'"  O  N N 8   
A   "C3'"  C  N S 9   
A   "O3'"  O  N N 10  
A   "C2'"  C  N R 11  
A   "O2'"  O  N N 12  
A   "C1'"  C  N R 13  
A   N9     N  Y N 14  
A   C8     C  Y N 15  
A   N7     N  Y N 16  
A   C5     C  Y N 17  
A   C6     C  Y N 18  
A   N6     N  N N 19  
A   N1     N  Y N 20  
A   C2     C  Y N 21  
A   N3     N  Y N 22  
A   C4     C  Y N 23  
A   HOP3   H  N N 24  
A   HOP2   H  N N 25  
A   "H5'"  H  N N 26  
A   "H5''" H  N N 27  
A   "H4'"  H  N N 28  
A   "H3'"  H  N N 29  
A   "HO3'" H  N N 30  
A   "H2'"  H  N N 31  
A   "HO2'" H  N N 32  
A   "H1'"  H  N N 33  
A   H8     H  N N 34  
A   H61    H  N N 35  
A   H62    H  N N 36  
A   H2     H  N N 37  
C   OP3    O  N N 38  
C   P      P  N N 39  
C   OP1    O  N N 40  
C   OP2    O  N N 41  
C   "O5'"  O  N N 42  
C   "C5'"  C  N N 43  
C   "C4'"  C  N R 44  
C   "O4'"  O  N N 45  
C   "C3'"  C  N S 46  
C   "O3'"  O  N N 47  
C   "C2'"  C  N R 48  
C   "O2'"  O  N N 49  
C   "C1'"  C  N R 50  
C   N1     N  N N 51  
C   C2     C  N N 52  
C   O2     O  N N 53  
C   N3     N  N N 54  
C   C4     C  N N 55  
C   N4     N  N N 56  
C   C5     C  N N 57  
C   C6     C  N N 58  
C   HOP3   H  N N 59  
C   HOP2   H  N N 60  
C   "H5'"  H  N N 61  
C   "H5''" H  N N 62  
C   "H4'"  H  N N 63  
C   "H3'"  H  N N 64  
C   "HO3'" H  N N 65  
C   "H2'"  H  N N 66  
C   "HO2'" H  N N 67  
C   "H1'"  H  N N 68  
C   H41    H  N N 69  
C   H42    H  N N 70  
C   H5     H  N N 71  
C   H6     H  N N 72  
CBV O3P    O  N N 73  
CBV P      P  N N 74  
CBV O1P    O  N N 75  
CBV O2P    O  N N 76  
CBV "O5'"  O  N N 77  
CBV "C5'"  C  N N 78  
CBV "C4'"  C  N R 79  
CBV "O4'"  O  N N 80  
CBV "C3'"  C  N S 81  
CBV "O3'"  O  N N 82  
CBV "C2'"  C  N R 83  
CBV "O2'"  O  N N 84  
CBV "C1'"  C  N R 85  
CBV N1     N  N N 86  
CBV C2     C  N N 87  
CBV O2     O  N N 88  
CBV N3     N  N N 89  
CBV C4     C  N N 90  
CBV N4     N  N N 91  
CBV C5     C  N N 92  
CBV C6     C  N N 93  
CBV BR     BR N N 94  
CBV HO3P   H  N N 95  
CBV HO1P   H  N N 96  
CBV "H5'1" H  N N 97  
CBV "H5'2" H  N N 98  
CBV "H4'"  H  N N 99  
CBV "H3'"  H  N N 100 
CBV "HO3'" H  N N 101 
CBV "H2'"  H  N N 102 
CBV "HO2'" H  N N 103 
CBV "H1'"  H  N N 104 
CBV HN41   H  N N 105 
CBV HN42   H  N N 106 
CBV H6     H  N N 107 
G   OP3    O  N N 108 
G   P      P  N N 109 
G   OP1    O  N N 110 
G   OP2    O  N N 111 
G   "O5'"  O  N N 112 
G   "C5'"  C  N N 113 
G   "C4'"  C  N R 114 
G   "O4'"  O  N N 115 
G   "C3'"  C  N S 116 
G   "O3'"  O  N N 117 
G   "C2'"  C  N R 118 
G   "O2'"  O  N N 119 
G   "C1'"  C  N R 120 
G   N9     N  Y N 121 
G   C8     C  Y N 122 
G   N7     N  Y N 123 
G   C5     C  Y N 124 
G   C6     C  N N 125 
G   O6     O  N N 126 
G   N1     N  N N 127 
G   C2     C  N N 128 
G   N2     N  N N 129 
G   N3     N  N N 130 
G   C4     C  Y N 131 
G   HOP3   H  N N 132 
G   HOP2   H  N N 133 
G   "H5'"  H  N N 134 
G   "H5''" H  N N 135 
G   "H4'"  H  N N 136 
G   "H3'"  H  N N 137 
G   "HO3'" H  N N 138 
G   "H2'"  H  N N 139 
G   "HO2'" H  N N 140 
G   "H1'"  H  N N 141 
G   H8     H  N N 142 
G   H1     H  N N 143 
G   H21    H  N N 144 
G   H22    H  N N 145 
HOH O      O  N N 146 
HOH H1     H  N N 147 
HOH H2     H  N N 148 
MG  MG     MG N N 149 
U   OP3    O  N N 150 
U   P      P  N N 151 
U   OP1    O  N N 152 
U   OP2    O  N N 153 
U   "O5'"  O  N N 154 
U   "C5'"  C  N N 155 
U   "C4'"  C  N R 156 
U   "O4'"  O  N N 157 
U   "C3'"  C  N S 158 
U   "O3'"  O  N N 159 
U   "C2'"  C  N R 160 
U   "O2'"  O  N N 161 
U   "C1'"  C  N R 162 
U   N1     N  N N 163 
U   C2     C  N N 164 
U   O2     O  N N 165 
U   N3     N  N N 166 
U   C4     C  N N 167 
U   O4     O  N N 168 
U   C5     C  N N 169 
U   C6     C  N N 170 
U   HOP3   H  N N 171 
U   HOP2   H  N N 172 
U   "H5'"  H  N N 173 
U   "H5''" H  N N 174 
U   "H4'"  H  N N 175 
U   "H3'"  H  N N 176 
U   "HO3'" H  N N 177 
U   "H2'"  H  N N 178 
U   "HO2'" H  N N 179 
U   "H1'"  H  N N 180 
U   H3     H  N N 181 
U   H5     H  N N 182 
U   H6     H  N N 183 
# 
loop_
_chem_comp_bond.comp_id 
_chem_comp_bond.atom_id_1 
_chem_comp_bond.atom_id_2 
_chem_comp_bond.value_order 
_chem_comp_bond.pdbx_aromatic_flag 
_chem_comp_bond.pdbx_stereo_config 
_chem_comp_bond.pdbx_ordinal 
A   OP3   P      sing N N 1   
A   OP3   HOP3   sing N N 2   
A   P     OP1    doub N N 3   
A   P     OP2    sing N N 4   
A   P     "O5'"  sing N N 5   
A   OP2   HOP2   sing N N 6   
A   "O5'" "C5'"  sing N N 7   
A   "C5'" "C4'"  sing N N 8   
A   "C5'" "H5'"  sing N N 9   
A   "C5'" "H5''" sing N N 10  
A   "C4'" "O4'"  sing N N 11  
A   "C4'" "C3'"  sing N N 12  
A   "C4'" "H4'"  sing N N 13  
A   "O4'" "C1'"  sing N N 14  
A   "C3'" "O3'"  sing N N 15  
A   "C3'" "C2'"  sing N N 16  
A   "C3'" "H3'"  sing N N 17  
A   "O3'" "HO3'" sing N N 18  
A   "C2'" "O2'"  sing N N 19  
A   "C2'" "C1'"  sing N N 20  
A   "C2'" "H2'"  sing N N 21  
A   "O2'" "HO2'" sing N N 22  
A   "C1'" N9     sing N N 23  
A   "C1'" "H1'"  sing N N 24  
A   N9    C8     sing Y N 25  
A   N9    C4     sing Y N 26  
A   C8    N7     doub Y N 27  
A   C8    H8     sing N N 28  
A   N7    C5     sing Y N 29  
A   C5    C6     sing Y N 30  
A   C5    C4     doub Y N 31  
A   C6    N6     sing N N 32  
A   C6    N1     doub Y N 33  
A   N6    H61    sing N N 34  
A   N6    H62    sing N N 35  
A   N1    C2     sing Y N 36  
A   C2    N3     doub Y N 37  
A   C2    H2     sing N N 38  
A   N3    C4     sing Y N 39  
C   OP3   P      sing N N 40  
C   OP3   HOP3   sing N N 41  
C   P     OP1    doub N N 42  
C   P     OP2    sing N N 43  
C   P     "O5'"  sing N N 44  
C   OP2   HOP2   sing N N 45  
C   "O5'" "C5'"  sing N N 46  
C   "C5'" "C4'"  sing N N 47  
C   "C5'" "H5'"  sing N N 48  
C   "C5'" "H5''" sing N N 49  
C   "C4'" "O4'"  sing N N 50  
C   "C4'" "C3'"  sing N N 51  
C   "C4'" "H4'"  sing N N 52  
C   "O4'" "C1'"  sing N N 53  
C   "C3'" "O3'"  sing N N 54  
C   "C3'" "C2'"  sing N N 55  
C   "C3'" "H3'"  sing N N 56  
C   "O3'" "HO3'" sing N N 57  
C   "C2'" "O2'"  sing N N 58  
C   "C2'" "C1'"  sing N N 59  
C   "C2'" "H2'"  sing N N 60  
C   "O2'" "HO2'" sing N N 61  
C   "C1'" N1     sing N N 62  
C   "C1'" "H1'"  sing N N 63  
C   N1    C2     sing N N 64  
C   N1    C6     sing N N 65  
C   C2    O2     doub N N 66  
C   C2    N3     sing N N 67  
C   N3    C4     doub N N 68  
C   C4    N4     sing N N 69  
C   C4    C5     sing N N 70  
C   N4    H41    sing N N 71  
C   N4    H42    sing N N 72  
C   C5    C6     doub N N 73  
C   C5    H5     sing N N 74  
C   C6    H6     sing N N 75  
CBV O3P   P      sing N N 76  
CBV O3P   HO3P   sing N N 77  
CBV P     O1P    sing N N 78  
CBV P     O2P    doub N N 79  
CBV P     "O5'"  sing N N 80  
CBV O1P   HO1P   sing N N 81  
CBV "O5'" "C5'"  sing N N 82  
CBV "C5'" "C4'"  sing N N 83  
CBV "C5'" "H5'1" sing N N 84  
CBV "C5'" "H5'2" sing N N 85  
CBV "C4'" "O4'"  sing N N 86  
CBV "C4'" "C3'"  sing N N 87  
CBV "C4'" "H4'"  sing N N 88  
CBV "O4'" "C1'"  sing N N 89  
CBV "C3'" "O3'"  sing N N 90  
CBV "C3'" "C2'"  sing N N 91  
CBV "C3'" "H3'"  sing N N 92  
CBV "O3'" "HO3'" sing N N 93  
CBV "C2'" "O2'"  sing N N 94  
CBV "C2'" "C1'"  sing N N 95  
CBV "C2'" "H2'"  sing N N 96  
CBV "O2'" "HO2'" sing N N 97  
CBV "C1'" N1     sing N N 98  
CBV "C1'" "H1'"  sing N N 99  
CBV N1    C2     sing N N 100 
CBV N1    C6     sing N N 101 
CBV C2    O2     doub N N 102 
CBV C2    N3     sing N N 103 
CBV N3    C4     doub N N 104 
CBV C4    N4     sing N N 105 
CBV C4    C5     sing N N 106 
CBV N4    HN41   sing N N 107 
CBV N4    HN42   sing N N 108 
CBV C5    C6     doub N N 109 
CBV C5    BR     sing N N 110 
CBV C6    H6     sing N N 111 
G   OP3   P      sing N N 112 
G   OP3   HOP3   sing N N 113 
G   P     OP1    doub N N 114 
G   P     OP2    sing N N 115 
G   P     "O5'"  sing N N 116 
G   OP2   HOP2   sing N N 117 
G   "O5'" "C5'"  sing N N 118 
G   "C5'" "C4'"  sing N N 119 
G   "C5'" "H5'"  sing N N 120 
G   "C5'" "H5''" sing N N 121 
G   "C4'" "O4'"  sing N N 122 
G   "C4'" "C3'"  sing N N 123 
G   "C4'" "H4'"  sing N N 124 
G   "O4'" "C1'"  sing N N 125 
G   "C3'" "O3'"  sing N N 126 
G   "C3'" "C2'"  sing N N 127 
G   "C3'" "H3'"  sing N N 128 
G   "O3'" "HO3'" sing N N 129 
G   "C2'" "O2'"  sing N N 130 
G   "C2'" "C1'"  sing N N 131 
G   "C2'" "H2'"  sing N N 132 
G   "O2'" "HO2'" sing N N 133 
G   "C1'" N9     sing N N 134 
G   "C1'" "H1'"  sing N N 135 
G   N9    C8     sing Y N 136 
G   N9    C4     sing Y N 137 
G   C8    N7     doub Y N 138 
G   C8    H8     sing N N 139 
G   N7    C5     sing Y N 140 
G   C5    C6     sing N N 141 
G   C5    C4     doub Y N 142 
G   C6    O6     doub N N 143 
G   C6    N1     sing N N 144 
G   N1    C2     sing N N 145 
G   N1    H1     sing N N 146 
G   C2    N2     sing N N 147 
G   C2    N3     doub N N 148 
G   N2    H21    sing N N 149 
G   N2    H22    sing N N 150 
G   N3    C4     sing N N 151 
HOH O     H1     sing N N 152 
HOH O     H2     sing N N 153 
U   OP3   P      sing N N 154 
U   OP3   HOP3   sing N N 155 
U   P     OP1    doub N N 156 
U   P     OP2    sing N N 157 
U   P     "O5'"  sing N N 158 
U   OP2   HOP2   sing N N 159 
U   "O5'" "C5'"  sing N N 160 
U   "C5'" "C4'"  sing N N 161 
U   "C5'" "H5'"  sing N N 162 
U   "C5'" "H5''" sing N N 163 
U   "C4'" "O4'"  sing N N 164 
U   "C4'" "C3'"  sing N N 165 
U   "C4'" "H4'"  sing N N 166 
U   "O4'" "C1'"  sing N N 167 
U   "C3'" "O3'"  sing N N 168 
U   "C3'" "C2'"  sing N N 169 
U   "C3'" "H3'"  sing N N 170 
U   "O3'" "HO3'" sing N N 171 
U   "C2'" "O2'"  sing N N 172 
U   "C2'" "C1'"  sing N N 173 
U   "C2'" "H2'"  sing N N 174 
U   "O2'" "HO2'" sing N N 175 
U   "C1'" N1     sing N N 176 
U   "C1'" "H1'"  sing N N 177 
U   N1    C2     sing N N 178 
U   N1    C6     sing N N 179 
U   C2    O2     doub N N 180 
U   C2    N3     sing N N 181 
U   N3    C4     sing N N 182 
U   N3    H3     sing N N 183 
U   C4    O4     doub N N 184 
U   C4    C5     sing N N 185 
U   C5    C6     doub N N 186 
U   C5    H5     sing N N 187 
U   C6    H6     sing N N 188 
# 
loop_
_ndb_struct_conf_na.entry_id 
_ndb_struct_conf_na.feature 
430D 'double helix'         
430D 'a-form double helix'  
430D 'mismatched base pair' 
430D 'triple helix'         
# 
loop_
_ndb_struct_na_base_pair.model_number 
_ndb_struct_na_base_pair.i_label_asym_id 
_ndb_struct_na_base_pair.i_label_comp_id 
_ndb_struct_na_base_pair.i_label_seq_id 
_ndb_struct_na_base_pair.i_symmetry 
_ndb_struct_na_base_pair.j_label_asym_id 
_ndb_struct_na_base_pair.j_label_comp_id 
_ndb_struct_na_base_pair.j_label_seq_id 
_ndb_struct_na_base_pair.j_symmetry 
_ndb_struct_na_base_pair.shear 
_ndb_struct_na_base_pair.stretch 
_ndb_struct_na_base_pair.stagger 
_ndb_struct_na_base_pair.buckle 
_ndb_struct_na_base_pair.propeller 
_ndb_struct_na_base_pair.opening 
_ndb_struct_na_base_pair.pair_number 
_ndb_struct_na_base_pair.pair_name 
_ndb_struct_na_base_pair.i_auth_asym_id 
_ndb_struct_na_base_pair.i_auth_seq_id 
_ndb_struct_na_base_pair.i_PDB_ins_code 
_ndb_struct_na_base_pair.j_auth_asym_id 
_ndb_struct_na_base_pair.j_auth_seq_id 
_ndb_struct_na_base_pair.j_PDB_ins_code 
_ndb_struct_na_base_pair.hbond_type_28 
_ndb_struct_na_base_pair.hbond_type_12 
1 A G 1  1_555 A C   29 1_555 -0.249 -0.180 -0.061 -3.279  -2.017  0.343    1  A_G1:C29_A   A 1  ? A 29 ? 19 1 
1 A G 2  1_555 A C   28 1_555 -0.308 -0.376 -0.223 -8.066  -13.123 1.725    2  A_G2:C28_A   A 2  ? A 28 ? 19 1 
1 A G 3  1_555 A CBV 27 1_555 0.479  -0.228 0.166  -2.206  -2.184  -4.321   3  A_G3:CBV27_A A 3  ? A 27 ? 19 1 
1 A U 4  1_555 A A   26 1_555 0.226  -0.045 -0.156 0.292   -9.416  9.168    4  A_U4:A26_A   A 4  ? A 26 ? 20 1 
1 A G 5  1_555 A C   25 1_555 -0.141 -0.101 0.570  11.596  -2.793  -0.235   5  A_G5:C25_A   A 5  ? A 25 ? 19 1 
1 A C 6  1_555 A G   24 1_555 0.169  -0.181 -0.262 9.863   3.005   -2.850   6  A_C6:G24_A   A 6  ? A 24 ? 19 1 
1 A U 7  1_555 A C   23 1_555 5.942  -2.641 0.904  3.543   18.678  -16.561  7  A_U7:C23_A   A 7  ? A 23 ? ?  ? 
1 A A 9  1_555 A A   21 1_555 -6.006 4.918  1.546  -15.541 -2.534  -168.531 8  A_A9:A21_A   A 9  ? A 21 ? 2  8 
1 A U 11 1_555 A A   20 1_555 3.961  -1.802 -1.322 -1.842  -22.408 -101.676 9  A_U11:A20_A  A 11 ? A 20 ? 24 4 
1 A A 12 1_555 A G   19 1_555 -6.616 -3.446 -0.304 -13.304 0.147   8.375    10 A_A12:G19_A  A 12 ? A 19 ? 11 9 
1 A C 13 1_555 A G   18 1_555 0.142  -0.082 0.506  4.267   -5.697  0.541    11 A_C13:G18_A  A 13 ? A 18 ? 19 1 
1 A G 14 1_555 A A   17 1_555 6.891  -4.671 0.482  16.083  8.717   -11.492  12 A_G14:A17_A  A 14 ? A 17 ? ?  ? 
# 
loop_
_ndb_struct_na_base_pair_step.model_number 
_ndb_struct_na_base_pair_step.i_label_asym_id_1 
_ndb_struct_na_base_pair_step.i_label_comp_id_1 
_ndb_struct_na_base_pair_step.i_label_seq_id_1 
_ndb_struct_na_base_pair_step.i_symmetry_1 
_ndb_struct_na_base_pair_step.j_label_asym_id_1 
_ndb_struct_na_base_pair_step.j_label_comp_id_1 
_ndb_struct_na_base_pair_step.j_label_seq_id_1 
_ndb_struct_na_base_pair_step.j_symmetry_1 
_ndb_struct_na_base_pair_step.i_label_asym_id_2 
_ndb_struct_na_base_pair_step.i_label_comp_id_2 
_ndb_struct_na_base_pair_step.i_label_seq_id_2 
_ndb_struct_na_base_pair_step.i_symmetry_2 
_ndb_struct_na_base_pair_step.j_label_asym_id_2 
_ndb_struct_na_base_pair_step.j_label_comp_id_2 
_ndb_struct_na_base_pair_step.j_label_seq_id_2 
_ndb_struct_na_base_pair_step.j_symmetry_2 
_ndb_struct_na_base_pair_step.shift 
_ndb_struct_na_base_pair_step.slide 
_ndb_struct_na_base_pair_step.rise 
_ndb_struct_na_base_pair_step.tilt 
_ndb_struct_na_base_pair_step.roll 
_ndb_struct_na_base_pair_step.twist 
_ndb_struct_na_base_pair_step.x_displacement 
_ndb_struct_na_base_pair_step.y_displacement 
_ndb_struct_na_base_pair_step.helical_rise 
_ndb_struct_na_base_pair_step.inclination 
_ndb_struct_na_base_pair_step.tip 
_ndb_struct_na_base_pair_step.helical_twist 
_ndb_struct_na_base_pair_step.step_number 
_ndb_struct_na_base_pair_step.step_name 
_ndb_struct_na_base_pair_step.i_auth_asym_id_1 
_ndb_struct_na_base_pair_step.i_auth_seq_id_1 
_ndb_struct_na_base_pair_step.i_PDB_ins_code_1 
_ndb_struct_na_base_pair_step.j_auth_asym_id_1 
_ndb_struct_na_base_pair_step.j_auth_seq_id_1 
_ndb_struct_na_base_pair_step.j_PDB_ins_code_1 
_ndb_struct_na_base_pair_step.i_auth_asym_id_2 
_ndb_struct_na_base_pair_step.i_auth_seq_id_2 
_ndb_struct_na_base_pair_step.i_PDB_ins_code_2 
_ndb_struct_na_base_pair_step.j_auth_asym_id_2 
_ndb_struct_na_base_pair_step.j_auth_seq_id_2 
_ndb_struct_na_base_pair_step.j_PDB_ins_code_2 
1 A G 1  1_555 A C   29 1_555 A G 2  1_555 A C   28 1_555 0.221  -2.016 3.477  0.918    2.119    28.263  -4.624 -0.230 3.325  
4.331   -1.876  28.356   1  AA_G1G2:C28C29_AA   A 1  ? A 29 ? A 2  ? A 28 ? 
1 A G 2  1_555 A C   28 1_555 A G 3  1_555 A CBV 27 1_555 -0.883 -1.962 3.157  -3.866   0.615    35.085  -3.324 0.898  3.200  
1.016   6.388   35.296   2  AA_G2G3:CBV27C28_AA A 2  ? A 28 ? A 3  ? A 27 ? 
1 A G 3  1_555 A CBV 27 1_555 A U 4  1_555 A A   26 1_555 1.544  -1.557 3.117  6.725    11.083   28.950  -4.741 -1.684 2.644  
20.897  -12.681 31.663   3  AA_G3U4:A26CBV27_AA A 3  ? A 27 ? A 4  ? A 26 ? 
1 A U 4  1_555 A A   26 1_555 A G 5  1_555 A C   25 1_555 0.141  -1.736 2.890  -2.986   3.256    30.032  -3.875 -0.782 2.665  
6.242   5.723   30.347   4  AA_U4G5:C25A26_AA   A 4  ? A 26 ? A 5  ? A 25 ? 
1 A G 5  1_555 A C   25 1_555 A C 6  1_555 A G   24 1_555 1.504  -2.480 3.107  9.747    -1.236   24.616  -5.069 -0.554 3.551  
-2.763  -21.785 26.477   5  AA_G5C6:G24C25_AA   A 5  ? A 25 ? A 6  ? A 24 ? 
1 A C 6  1_555 A G   24 1_555 A U 7  1_555 A C   23 1_555 -0.694 -2.559 3.422  -8.000   -1.632   57.071  -2.562 0.258  3.548  
-1.698  8.326   57.603   6  AA_C6U7:C23G24_AA   A 6  ? A 24 ? A 7  ? A 23 ? 
1 A A 9  1_555 A A   21 1_555 A U 11 1_555 A A   20 1_555 -2.166 2.300  -0.948 -123.153 -127.311 -53.718 -1.426 -0.817 -0.297 
64.221  -62.124 -177.439 7  AA_A9U11:A20A21_AA  A 9  ? A 21 ? A 11 ? A 20 ? 
1 A U 11 1_555 A A   20 1_555 A A 12 1_555 A G   19 1_555 5.281  -1.281 3.695  -8.731   3.616    -11.412 -0.340 7.670  6.267  
-15.205 -36.714 -14.807  8  AA_U11A12:G19A20_AA A 11 ? A 20 ? A 12 ? A 19 ? 
1 A A 12 1_555 A G   19 1_555 A C 13 1_555 A G   18 1_555 -0.262 -0.814 2.963  -1.530   -5.688   59.304  -0.557 0.194  3.028  
-5.733  1.542   59.569   9  AA_A12C13:G18G19_AA A 12 ? A 19 ? A 13 ? A 18 ? 
1 A C 13 1_555 A G   18 1_555 A G 14 1_555 A A   17 1_555 -2.804 -1.037 2.875  -0.863   4.464    45.652  -1.668 3.533  2.817  
5.737   1.109   45.866   10 AA_C13G14:A17G18_AA A 13 ? A 18 ? A 14 ? A 17 ? 
# 
_atom_sites.entry_id                    430D 
_atom_sites.fract_transf_matrix[1][1]   0.00136477 
_atom_sites.fract_transf_matrix[1][2]   0.01671612 
_atom_sites.fract_transf_matrix[1][3]   -0.01146879 
_atom_sites.fract_transf_matrix[2][1]   -0.01512432 
_atom_sites.fract_transf_matrix[2][2]   0.01356895 
_atom_sites.fract_transf_matrix[2][3]   -0.00002108 
_atom_sites.fract_transf_matrix[3][1]   0.00402267 
_atom_sites.fract_transf_matrix[3][2]   0.00449470 
_atom_sites.fract_transf_matrix[3][3]   0.00702986 
_atom_sites.fract_transf_vector[1]      0.357035 
_atom_sites.fract_transf_vector[2]      0.293296 
_atom_sites.fract_transf_vector[3]      0.396747 
# 
loop_
_atom_type.symbol 
BR 
C  
MG 
N  
O  
P  
# 
loop_
_atom_site.group_PDB 
_atom_site.id 
_atom_site.type_symbol 
_atom_site.label_atom_id 
_atom_site.label_alt_id 
_atom_site.label_comp_id 
_atom_site.label_asym_id 
_atom_site.label_entity_id 
_atom_site.label_seq_id 
_atom_site.pdbx_PDB_ins_code 
_atom_site.Cartn_x 
_atom_site.Cartn_y 
_atom_site.Cartn_z 
_atom_site.occupancy 
_atom_site.B_iso_or_equiv 
_atom_site.pdbx_formal_charge 
_atom_site.auth_seq_id 
_atom_site.auth_comp_id 
_atom_site.auth_asym_id 
_atom_site.auth_atom_id 
_atom_site.pdbx_PDB_model_num 
ATOM   1   O  "O5'" . G   A 1 1  ? 15.502  0.972   9.889   1.00 49.84 ? 1   G   A "O5'" 1 
ATOM   2   C  "C5'" . G   A 1 1  ? 16.425  0.066   10.458  1.00 49.00 ? 1   G   A "C5'" 1 
ATOM   3   C  "C4'" . G   A 1 1  ? 15.816  -0.651  11.635  1.00 48.99 ? 1   G   A "C4'" 1 
ATOM   4   O  "O4'" . G   A 1 1  ? 16.194  0.061   12.845  1.00 48.86 ? 1   G   A "O4'" 1 
ATOM   5   C  "C3'" . G   A 1 1  ? 14.293  -0.711  11.711  1.00 48.85 ? 1   G   A "C3'" 1 
ATOM   6   O  "O3'" . G   A 1 1  ? 13.808  -1.805  10.940  1.00 50.68 ? 1   G   A "O3'" 1 
ATOM   7   C  "C2'" . G   A 1 1  ? 14.108  -0.940  13.201  1.00 48.08 ? 1   G   A "C2'" 1 
ATOM   8   O  "O2'" . G   A 1 1  ? 14.550  -2.211  13.590  1.00 47.74 ? 1   G   A "O2'" 1 
ATOM   9   C  "C1'" . G   A 1 1  ? 15.102  0.072   13.753  1.00 47.49 ? 1   G   A "C1'" 1 
ATOM   10  N  N9    . G   A 1 1  ? 14.568  1.422   13.766  1.00 45.21 ? 1   G   A N9    1 
ATOM   11  C  C8    . G   A 1 1  ? 14.836  2.427   12.874  1.00 44.15 ? 1   G   A C8    1 
ATOM   12  N  N7    . G   A 1 1  ? 14.217  3.538   13.161  1.00 43.91 ? 1   G   A N7    1 
ATOM   13  C  C5    . G   A 1 1  ? 13.497  3.239   14.312  1.00 42.90 ? 1   G   A C5    1 
ATOM   14  C  C6    . G   A 1 1  ? 12.620  4.044   15.086  1.00 42.30 ? 1   G   A C6    1 
ATOM   15  O  O6    . G   A 1 1  ? 12.274  5.217   14.883  1.00 42.65 ? 1   G   A O6    1 
ATOM   16  N  N1    . G   A 1 1  ? 12.108  3.343   16.172  1.00 40.60 ? 1   G   A N1    1 
ATOM   17  C  C2    . G   A 1 1  ? 12.396  2.030   16.455  1.00 41.13 ? 1   G   A C2    1 
ATOM   18  N  N2    . G   A 1 1  ? 11.836  1.521   17.529  1.00 40.23 ? 1   G   A N2    1 
ATOM   19  N  N3    . G   A 1 1  ? 13.189  1.268   15.729  1.00 42.00 ? 1   G   A N3    1 
ATOM   20  C  C4    . G   A 1 1  ? 13.703  1.933   14.686  1.00 43.39 ? 1   G   A C4    1 
ATOM   21  P  P     . G   A 1 2  ? 12.222  -1.974  10.648  1.00 51.93 ? 2   G   A P     1 
ATOM   22  O  OP1   . G   A 1 2  ? 12.055  -3.355  10.172  1.00 51.17 ? 2   G   A OP1   1 
ATOM   23  O  OP2   . G   A 1 2  ? 11.776  -0.843  9.793   1.00 51.82 ? 2   G   A OP2   1 
ATOM   24  O  "O5'" . G   A 1 2  ? 11.491  -1.840  12.070  1.00 51.37 ? 2   G   A "O5'" 1 
ATOM   25  C  "C5'" . G   A 1 2  ? 11.329  -2.986  12.945  1.00 51.08 ? 2   G   A "C5'" 1 
ATOM   26  C  "C4'" . G   A 1 2  ? 10.648  -2.583  14.236  1.00 50.75 ? 2   G   A "C4'" 1 
ATOM   27  O  "O4'" . G   A 1 2  ? 11.217  -1.335  14.707  1.00 50.12 ? 2   G   A "O4'" 1 
ATOM   28  C  "C3'" . G   A 1 2  ? 9.177   -2.232  14.132  1.00 51.11 ? 2   G   A "C3'" 1 
ATOM   29  O  "O3'" . G   A 1 2  ? 8.325   -3.365  14.028  1.00 52.28 ? 2   G   A "O3'" 1 
ATOM   30  C  "C2'" . G   A 1 2  ? 8.961   -1.415  15.409  1.00 50.58 ? 2   G   A "C2'" 1 
ATOM   31  O  "O2'" . G   A 1 2  ? 8.889   -2.124  16.628  1.00 51.11 ? 2   G   A "O2'" 1 
ATOM   32  C  "C1'" . G   A 1 2  ? 10.237  -0.594  15.437  1.00 49.14 ? 2   G   A "C1'" 1 
ATOM   33  N  N9    . G   A 1 2  ? 10.043  0.709   14.808  1.00 46.68 ? 2   G   A N9    1 
ATOM   34  C  C8    . G   A 1 2  ? 10.592  1.164   13.639  1.00 45.19 ? 2   G   A C8    1 
ATOM   35  N  N7    . G   A 1 2  ? 10.232  2.383   13.344  1.00 44.69 ? 2   G   A N7    1 
ATOM   36  C  C5    . G   A 1 2  ? 9.385   2.755   14.385  1.00 45.53 ? 2   G   A C5    1 
ATOM   37  C  C6    . G   A 1 2  ? 8.702   3.979   14.630  1.00 44.87 ? 2   G   A C6    1 
ATOM   38  O  O6    . G   A 1 2  ? 8.681   4.999   13.932  1.00 46.33 ? 2   G   A O6    1 
ATOM   39  N  N1    . G   A 1 2  ? 7.986   3.943   15.819  1.00 44.14 ? 2   G   A N1    1 
ATOM   40  C  C2    . G   A 1 2  ? 7.907   2.866   16.651  1.00 44.38 ? 2   G   A C2    1 
ATOM   41  N  N2    . G   A 1 2  ? 7.142   3.038   17.738  1.00 44.89 ? 2   G   A N2    1 
ATOM   42  N  N3    . G   A 1 2  ? 8.529   1.713   16.440  1.00 44.25 ? 2   G   A N3    1 
ATOM   43  C  C4    . G   A 1 2  ? 9.253   1.732   15.296  1.00 45.74 ? 2   G   A C4    1 
ATOM   44  P  P     . G   A 1 3  ? 6.955   -3.241  13.191  1.00 53.24 ? 3   G   A P     1 
ATOM   45  O  OP1   . G   A 1 3  ? 6.442   -4.589  12.950  1.00 53.93 ? 3   G   A OP1   1 
ATOM   46  O  OP2   . G   A 1 3  ? 7.225   -2.360  12.026  1.00 52.94 ? 3   G   A OP2   1 
ATOM   47  O  "O5'" . G   A 1 3  ? 5.938   -2.511  14.190  1.00 51.97 ? 3   G   A "O5'" 1 
ATOM   48  C  "C5'" . G   A 1 3  ? 5.573   -3.097  15.421  1.00 51.15 ? 3   G   A "C5'" 1 
ATOM   49  C  "C4'" . G   A 1 3  ? 4.638   -2.186  16.192  1.00 51.25 ? 3   G   A "C4'" 1 
ATOM   50  O  "O4'" . G   A 1 3  ? 5.344   -1.010  16.695  1.00 50.96 ? 3   G   A "O4'" 1 
ATOM   51  C  "C3'" . G   A 1 3  ? 3.464   -1.580  15.434  1.00 51.23 ? 3   G   A "C3'" 1 
ATOM   52  O  "O3'" . G   A 1 3  ? 2.409   -2.517  15.264  1.00 52.20 ? 3   G   A "O3'" 1 
ATOM   53  C  "C2'" . G   A 1 3  ? 3.092   -0.428  16.362  1.00 50.40 ? 3   G   A "C2'" 1 
ATOM   54  O  "O2'" . G   A 1 3  ? 2.473   -0.769  17.576  1.00 50.20 ? 3   G   A "O2'" 1 
ATOM   55  C  "C1'" . G   A 1 3  ? 4.474   0.114   16.690  1.00 49.72 ? 3   G   A "C1'" 1 
ATOM   56  N  N9    . G   A 1 3  ? 4.902   1.031   15.641  1.00 48.49 ? 3   G   A N9    1 
ATOM   57  C  C8    . G   A 1 3  ? 5.759   0.785   14.594  1.00 47.88 ? 3   G   A C8    1 
ATOM   58  N  N7    . G   A 1 3  ? 5.928   1.822   13.816  1.00 47.63 ? 3   G   A N7    1 
ATOM   59  C  C5    . G   A 1 3  ? 5.134   2.809   14.390  1.00 47.73 ? 3   G   A C5    1 
ATOM   60  C  C6    . G   A 1 3  ? 4.906   4.138   13.985  1.00 48.33 ? 3   G   A C6    1 
ATOM   61  O  O6    . G   A 1 3  ? 5.392   4.730   12.996  1.00 48.73 ? 3   G   A O6    1 
ATOM   62  N  N1    . G   A 1 3  ? 4.012   4.796   14.844  1.00 48.24 ? 3   G   A N1    1 
ATOM   63  C  C2    . G   A 1 3  ? 3.399   4.219   15.961  1.00 48.84 ? 3   G   A C2    1 
ATOM   64  N  N2    . G   A 1 3  ? 2.516   4.981   16.687  1.00 47.44 ? 3   G   A N2    1 
ATOM   65  N  N3    . G   A 1 3  ? 3.626   2.969   16.343  1.00 48.56 ? 3   G   A N3    1 
ATOM   66  C  C4    . G   A 1 3  ? 4.497   2.333   15.516  1.00 48.12 ? 3   G   A C4    1 
ATOM   67  P  P     . U   A 1 4  ? 1.675   -2.658  13.835  1.00 52.56 ? 4   U   A P     1 
ATOM   68  O  OP1   . U   A 1 4  ? 0.939   -3.942  13.893  1.00 53.03 ? 4   U   A OP1   1 
ATOM   69  O  OP2   . U   A 1 4  ? 2.658   -2.426  12.763  1.00 52.57 ? 4   U   A OP2   1 
ATOM   70  O  "O5'" . U   A 1 4  ? 0.592   -1.493  13.843  1.00 51.33 ? 4   U   A "O5'" 1 
ATOM   71  C  "C5'" . U   A 1 4  ? -0.194  -1.264  15.010  1.00 49.90 ? 4   U   A "C5'" 1 
ATOM   72  C  "C4'" . U   A 1 4  ? -0.642  0.159   15.033  1.00 49.69 ? 4   U   A "C4'" 1 
ATOM   73  O  "O4'" . U   A 1 4  ? 0.507   1.031   15.185  1.00 49.22 ? 4   U   A "O4'" 1 
ATOM   74  C  "C3'" . U   A 1 4  ? -1.205  0.636   13.707  1.00 49.86 ? 4   U   A "C3'" 1 
ATOM   75  O  "O3'" . U   A 1 4  ? -2.551  0.206   13.538  1.00 51.07 ? 4   U   A "O3'" 1 
ATOM   76  C  "C2'" . U   A 1 4  ? -1.160  2.125   13.933  1.00 48.97 ? 4   U   A "C2'" 1 
ATOM   77  O  "O2'" . U   A 1 4  ? -2.158  2.482   14.835  1.00 48.20 ? 4   U   A "O2'" 1 
ATOM   78  C  "C1'" . U   A 1 4  ? 0.232   2.267   14.552  1.00 48.88 ? 4   U   A "C1'" 1 
ATOM   79  N  N1    . U   A 1 4  ? 1.241   2.488   13.503  1.00 48.93 ? 4   U   A N1    1 
ATOM   80  C  C2    . U   A 1 4  ? 1.411   3.794   13.035  1.00 48.33 ? 4   U   A C2    1 
ATOM   81  O  O2    . U   A 1 4  ? 0.774   4.751   13.456  1.00 48.67 ? 4   U   A O2    1 
ATOM   82  N  N3    . U   A 1 4  ? 2.351   3.933   12.066  1.00 47.90 ? 4   U   A N3    1 
ATOM   83  C  C4    . U   A 1 4  ? 3.127   2.939   11.528  1.00 48.40 ? 4   U   A C4    1 
ATOM   84  O  O4    . U   A 1 4  ? 3.906   3.219   10.610  1.00 49.53 ? 4   U   A O4    1 
ATOM   85  C  C5    . U   A 1 4  ? 2.895   1.638   12.064  1.00 47.53 ? 4   U   A C5    1 
ATOM   86  C  C6    . U   A 1 4  ? 1.982   1.463   13.003  1.00 47.57 ? 4   U   A C6    1 
ATOM   87  P  P     . G   A 1 5  ? -3.069  -0.296  12.107  1.00 51.14 ? 5   G   A P     1 
ATOM   88  O  OP1   . G   A 1 5  ? -4.186  -1.187  12.444  1.00 51.41 ? 5   G   A OP1   1 
ATOM   89  O  OP2   . G   A 1 5  ? -1.950  -0.830  11.287  1.00 52.05 ? 5   G   A OP2   1 
ATOM   90  O  "O5'" . G   A 1 5  ? -3.587  1.062   11.454  1.00 51.20 ? 5   G   A "O5'" 1 
ATOM   91  C  "C5'" . G   A 1 5  ? -4.573  1.860   12.121  1.00 51.37 ? 5   G   A "C5'" 1 
ATOM   92  C  "C4'" . G   A 1 5  ? -4.507  3.302   11.649  1.00 52.27 ? 5   G   A "C4'" 1 
ATOM   93  O  "O4'" . G   A 1 5  ? -3.236  3.923   11.999  1.00 52.07 ? 5   G   A "O4'" 1 
ATOM   94  C  "C3'" . G   A 1 5  ? -4.642  3.561   10.161  1.00 52.49 ? 5   G   A "C3'" 1 
ATOM   95  O  "O3'" . G   A 1 5  ? -6.022  3.497   9.807   1.00 54.03 ? 5   G   A "O3'" 1 
ATOM   96  C  "C2'" . G   A 1 5  ? -4.107  4.986   10.068  1.00 51.90 ? 5   G   A "C2'" 1 
ATOM   97  O  "O2'" . G   A 1 5  ? -5.058  5.942   10.471  1.00 52.06 ? 5   G   A "O2'" 1 
ATOM   98  C  "C1'" . G   A 1 5  ? -2.937  4.956   11.069  1.00 51.54 ? 5   G   A "C1'" 1 
ATOM   99  N  N9    . G   A 1 5  ? -1.690  4.626   10.374  1.00 50.61 ? 5   G   A N9    1 
ATOM   100 C  C8    . G   A 1 5  ? -1.085  3.391   10.290  1.00 49.69 ? 5   G   A C8    1 
ATOM   101 N  N7    . G   A 1 5  ? -0.045  3.386   9.502   1.00 48.95 ? 5   G   A N7    1 
ATOM   102 C  C5    . G   A 1 5  ? 0.069   4.701   9.062   1.00 49.40 ? 5   G   A C5    1 
ATOM   103 C  C6    . G   A 1 5  ? 1.055   5.315   8.239   1.00 49.40 ? 5   G   A C6    1 
ATOM   104 O  O6    . G   A 1 5  ? 2.021   4.789   7.657   1.00 49.46 ? 5   G   A O6    1 
ATOM   105 N  N1    . G   A 1 5  ? 0.835   6.678   8.116   1.00 48.94 ? 5   G   A N1    1 
ATOM   106 C  C2    . G   A 1 5  ? -0.191  7.369   8.691   1.00 49.20 ? 5   G   A C2    1 
ATOM   107 N  N2    . G   A 1 5  ? -0.231  8.689   8.422   1.00 48.66 ? 5   G   A N2    1 
ATOM   108 N  N3    . G   A 1 5  ? -1.114  6.817   9.462   1.00 49.29 ? 5   G   A N3    1 
ATOM   109 C  C4    . G   A 1 5  ? -0.922  5.487   9.606   1.00 49.83 ? 5   G   A C4    1 
ATOM   110 P  P     . C   A 1 6  ? -6.464  2.845   8.390   1.00 55.76 ? 6   C   A P     1 
ATOM   111 O  OP1   . C   A 1 6  ? -7.918  3.121   8.193   1.00 55.86 ? 6   C   A OP1   1 
ATOM   112 O  OP2   . C   A 1 6  ? -5.971  1.444   8.243   1.00 56.33 ? 6   C   A OP2   1 
ATOM   113 O  "O5'" . C   A 1 6  ? -5.631  3.667   7.309   1.00 56.19 ? 6   C   A "O5'" 1 
ATOM   114 C  "C5'" . C   A 1 6  ? -6.133  4.887   6.792   1.00 56.93 ? 6   C   A "C5'" 1 
ATOM   115 C  "C4'" . C   A 1 6  ? -5.009  5.778   6.313   1.00 57.67 ? 6   C   A "C4'" 1 
ATOM   116 O  "O4'" . C   A 1 6  ? -3.706  5.488   6.881   1.00 57.95 ? 6   C   A "O4'" 1 
ATOM   117 C  "C3'" . C   A 1 6  ? -4.638  5.713   4.850   1.00 57.88 ? 6   C   A "C3'" 1 
ATOM   118 O  "O3'" . C   A 1 6  ? -5.707  6.212   4.066   1.00 58.24 ? 6   C   A "O3'" 1 
ATOM   119 C  "C2'" . C   A 1 6  ? -3.447  6.665   4.858   1.00 57.77 ? 6   C   A "C2'" 1 
ATOM   120 O  "O2'" . C   A 1 6  ? -3.831  8.023   4.967   1.00 57.80 ? 6   C   A "O2'" 1 
ATOM   121 C  "C1'" . C   A 1 6  ? -2.754  6.259   6.165   1.00 57.14 ? 6   C   A "C1'" 1 
ATOM   122 N  N1    . C   A 1 6  ? -1.615  5.428   5.828   1.00 56.18 ? 6   C   A N1    1 
ATOM   123 C  C2    . C   A 1 6  ? -0.544  6.036   5.203   1.00 55.44 ? 6   C   A C2    1 
ATOM   124 O  O2    . C   A 1 6  ? -0.594  7.262   5.003   1.00 54.15 ? 6   C   A O2    1 
ATOM   125 N  N3    . C   A 1 6  ? 0.513   5.290   4.828   1.00 55.22 ? 6   C   A N3    1 
ATOM   126 C  C4    . C   A 1 6  ? 0.524   3.986   5.067   1.00 54.75 ? 6   C   A C4    1 
ATOM   127 N  N4    . C   A 1 6  ? 1.584   3.286   4.665   1.00 54.65 ? 6   C   A N4    1 
ATOM   128 C  C5    . C   A 1 6  ? -0.551  3.338   5.726   1.00 55.23 ? 6   C   A C5    1 
ATOM   129 C  C6    . C   A 1 6  ? -1.598  4.092   6.089   1.00 55.57 ? 6   C   A C6    1 
ATOM   130 P  P     . U   A 1 7  ? -6.002  5.587   2.627   1.00 58.36 ? 7   U   A P     1 
ATOM   131 O  OP1   . U   A 1 7  ? -7.312  6.155   2.304   1.00 58.73 ? 7   U   A OP1   1 
ATOM   132 O  OP2   . U   A 1 7  ? -5.814  4.125   2.651   1.00 57.89 ? 7   U   A OP2   1 
ATOM   133 O  "O5'" . U   A 1 7  ? -4.908  6.228   1.660   1.00 58.47 ? 7   U   A "O5'" 1 
ATOM   134 C  "C5'" . U   A 1 7  ? -4.751  7.651   1.551   1.00 59.01 ? 7   U   A "C5'" 1 
ATOM   135 C  "C4'" . U   A 1 7  ? -3.414  7.979   0.929   1.00 59.66 ? 7   U   A "C4'" 1 
ATOM   136 O  "O4'" . U   A 1 7  ? -2.361  7.508   1.812   1.00 59.98 ? 7   U   A "O4'" 1 
ATOM   137 C  "C3'" . U   A 1 7  ? -3.113  7.264   -0.382  1.00 60.02 ? 7   U   A "C3'" 1 
ATOM   138 O  "O3'" . U   A 1 7  ? -3.664  7.954   -1.494  1.00 59.53 ? 7   U   A "O3'" 1 
ATOM   139 C  "C2'" . U   A 1 7  ? -1.596  7.328   -0.431  1.00 60.12 ? 7   U   A "C2'" 1 
ATOM   140 O  "O2'" . U   A 1 7  ? -1.138  8.577   -0.908  1.00 59.65 ? 7   U   A "O2'" 1 
ATOM   141 C  "C1'" . U   A 1 7  ? -1.238  7.104   1.043   1.00 60.44 ? 7   U   A "C1'" 1 
ATOM   142 N  N1    . U   A 1 7  ? -0.974  5.687   1.323   1.00 61.50 ? 7   U   A N1    1 
ATOM   143 C  C2    . U   A 1 7  ? 0.025   5.083   0.592   1.00 62.63 ? 7   U   A C2    1 
ATOM   144 O  O2    . U   A 1 7  ? 0.675   5.686   -0.237  1.00 63.46 ? 7   U   A O2    1 
ATOM   145 N  N3    . U   A 1 7  ? 0.235   3.750   0.866   1.00 63.00 ? 7   U   A N3    1 
ATOM   146 C  C4    . U   A 1 7  ? -0.444  2.983   1.793   1.00 62.98 ? 7   U   A C4    1 
ATOM   147 O  O4    . U   A 1 7  ? -0.147  1.796   1.932   1.00 62.32 ? 7   U   A O4    1 
ATOM   148 C  C5    . U   A 1 7  ? -1.464  3.689   2.520   1.00 62.46 ? 7   U   A C5    1 
ATOM   149 C  C6    . U   A 1 7  ? -1.688  4.984   2.262   1.00 61.94 ? 7   U   A C6    1 
ATOM   150 P  P     . C   A 1 8  ? -4.207  7.122   -2.751  1.00 59.25 ? 8   C   A P     1 
ATOM   151 O  OP1   . C   A 1 8  ? -4.992  8.095   -3.512  1.00 59.56 ? 8   C   A OP1   1 
ATOM   152 O  OP2   . C   A 1 8  ? -4.823  5.857   -2.316  1.00 59.17 ? 8   C   A OP2   1 
ATOM   153 O  "O5'" . C   A 1 8  ? -2.902  6.765   -3.577  1.00 59.81 ? 8   C   A "O5'" 1 
ATOM   154 C  "C5'" . C   A 1 8  ? -1.850  7.734   -3.685  1.00 60.87 ? 8   C   A "C5'" 1 
ATOM   155 C  "C4'" . C   A 1 8  ? -0.542  7.062   -4.004  1.00 61.59 ? 8   C   A "C4'" 1 
ATOM   156 O  "O4'" . C   A 1 8  ? 0.010   6.388   -2.844  1.00 61.62 ? 8   C   A "O4'" 1 
ATOM   157 C  "C3'" . C   A 1 8  ? -0.655  5.973   -5.039  1.00 61.95 ? 8   C   A "C3'" 1 
ATOM   158 O  "O3'" . C   A 1 8  ? -0.806  6.596   -6.302  1.00 62.47 ? 8   C   A "O3'" 1 
ATOM   159 C  "C2'" . C   A 1 8  ? 0.641   5.208   -4.795  1.00 62.12 ? 8   C   A "C2'" 1 
ATOM   160 O  "O2'" . C   A 1 8  ? 1.804   5.839   -5.280  1.00 62.53 ? 8   C   A "O2'" 1 
ATOM   161 C  "C1'" . C   A 1 8  ? 0.697   5.226   -3.265  1.00 62.16 ? 8   C   A "C1'" 1 
ATOM   162 N  N1    . C   A 1 8  ? 0.044   4.054   -2.662  1.00 62.67 ? 8   C   A N1    1 
ATOM   163 C  C2    . C   A 1 8  ? 0.847   2.992   -2.211  1.00 63.40 ? 8   C   A C2    1 
ATOM   164 O  O2    . C   A 1 8  ? 2.093   3.080   -2.316  1.00 63.14 ? 8   C   A O2    1 
ATOM   165 N  N3    . C   A 1 8  ? 0.248   1.899   -1.676  1.00 63.54 ? 8   C   A N3    1 
ATOM   166 C  C4    . C   A 1 8  ? -1.078  1.841   -1.585  1.00 63.13 ? 8   C   A C4    1 
ATOM   167 N  N4    . C   A 1 8  ? -1.613  0.742   -1.070  1.00 62.70 ? 8   C   A N4    1 
ATOM   168 C  C5    . C   A 1 8  ? -1.910  2.906   -2.022  1.00 63.31 ? 8   C   A C5    1 
ATOM   169 C  C6    . C   A 1 8  ? -1.316  3.985   -2.550  1.00 62.98 ? 8   C   A C6    1 
ATOM   170 P  P     . A   A 1 9  ? -1.481  5.791   -7.510  1.00 62.88 ? 9   A   A P     1 
ATOM   171 O  OP1   . A   A 1 9  ? -0.831  4.445   -7.388  1.00 63.83 ? 9   A   A OP1   1 
ATOM   172 O  OP2   . A   A 1 9  ? -1.393  6.540   -8.778  1.00 62.66 ? 9   A   A OP2   1 
ATOM   173 O  "O5'" . A   A 1 9  ? -3.021  5.652   -7.149  1.00 63.40 ? 9   A   A "O5'" 1 
ATOM   174 C  "C5'" . A   A 1 9  ? -3.954  5.112   -8.115  1.00 63.28 ? 9   A   A "C5'" 1 
ATOM   175 C  "C4'" . A   A 1 9  ? -4.927  4.168   -7.447  1.00 63.36 ? 9   A   A "C4'" 1 
ATOM   176 O  "O4'" . A   A 1 9  ? -4.258  2.900   -7.194  1.00 63.11 ? 9   A   A "O4'" 1 
ATOM   177 C  "C3'" . A   A 1 9  ? -5.530  4.582   -6.103  1.00 63.12 ? 9   A   A "C3'" 1 
ATOM   178 O  "O3'" . A   A 1 9  ? -6.791  3.908   -5.943  1.00 63.80 ? 9   A   A "O3'" 1 
ATOM   179 C  "C2'" . A   A 1 9  ? -4.552  3.934   -5.140  1.00 63.16 ? 9   A   A "C2'" 1 
ATOM   180 O  "O2'" . A   A 1 9  ? -5.106  3.760   -3.855  1.00 62.46 ? 9   A   A "O2'" 1 
ATOM   181 C  "C1'" . A   A 1 9  ? -4.360  2.586   -5.830  1.00 63.28 ? 9   A   A "C1'" 1 
ATOM   182 N  N9    . A   A 1 9  ? -3.154  1.872   -5.445  1.00 64.25 ? 9   A   A N9    1 
ATOM   183 C  C8    . A   A 1 9  ? -1.856  2.157   -5.782  1.00 64.65 ? 9   A   A C8    1 
ATOM   184 N  N7    . A   A 1 9  ? -0.983  1.326   -5.278  1.00 65.10 ? 9   A   A N7    1 
ATOM   185 C  C5    . A   A 1 9  ? -1.758  0.432   -4.550  1.00 66.07 ? 9   A   A C5    1 
ATOM   186 C  C6    . A   A 1 9  ? -1.425  -0.663  -3.721  1.00 66.44 ? 9   A   A C6    1 
ATOM   187 N  N6    . A   A 1 9  ? -0.184  -1.087  -3.526  1.00 67.16 ? 9   A   A N6    1 
ATOM   188 N  N1    . A   A 1 9  ? -2.431  -1.311  -3.098  1.00 66.66 ? 9   A   A N1    1 
ATOM   189 C  C2    . A   A 1 9  ? -3.687  -0.883  -3.298  1.00 66.11 ? 9   A   A C2    1 
ATOM   190 N  N3    . A   A 1 9  ? -4.124  0.128   -4.046  1.00 65.82 ? 9   A   A N3    1 
ATOM   191 C  C4    . A   A 1 9  ? -3.099  0.754   -4.652  1.00 65.45 ? 9   A   A C4    1 
ATOM   192 P  P     . G   A 1 10 ? -8.138  4.740   -5.635  1.00 63.26 ? 10  G   A P     1 
ATOM   193 O  OP1   . G   A 1 10 ? -7.850  6.187   -5.651  1.00 63.23 ? 10  G   A OP1   1 
ATOM   194 O  OP2   . G   A 1 10 ? -8.807  4.135   -4.474  1.00 63.92 ? 10  G   A OP2   1 
ATOM   195 O  "O5'" . G   A 1 10 ? -9.133  4.319   -6.791  1.00 63.46 ? 10  G   A "O5'" 1 
ATOM   196 C  "C5'" . G   A 1 10 ? -9.725  3.032   -6.781  1.00 63.77 ? 10  G   A "C5'" 1 
ATOM   197 C  "C4'" . G   A 1 10 ? -8.738  2.024   -7.285  1.00 64.66 ? 10  G   A "C4'" 1 
ATOM   198 O  "O4'" . G   A 1 10 ? -8.586  0.990   -6.273  1.00 64.79 ? 10  G   A "O4'" 1 
ATOM   199 C  "C3'" . G   A 1 10 ? -9.155  1.287   -8.563  1.00 65.31 ? 10  G   A "C3'" 1 
ATOM   200 O  "O3'" . G   A 1 10 ? -7.972  0.901   -9.292  1.00 66.59 ? 10  G   A "O3'" 1 
ATOM   201 C  "C2'" . G   A 1 10 ? -9.812  0.050   -7.980  1.00 64.98 ? 10  G   A "C2'" 1 
ATOM   202 O  "O2'" . G   A 1 10 ? -9.860  -1.005  -8.911  1.00 65.30 ? 10  G   A "O2'" 1 
ATOM   203 C  "C1'" . G   A 1 10 ? -8.809  -0.260  -6.880  1.00 64.83 ? 10  G   A "C1'" 1 
ATOM   204 N  N9    . G   A 1 10 ? -9.245  -1.235  -5.885  1.00 64.48 ? 10  G   A N9    1 
ATOM   205 C  C8    . G   A 1 10 ? -10.520 -1.425  -5.418  1.00 64.55 ? 10  G   A C8    1 
ATOM   206 N  N7    . G   A 1 10 ? -10.612 -2.398  -4.555  1.00 64.22 ? 10  G   A N7    1 
ATOM   207 C  C5    . G   A 1 10 ? -9.318  -2.882  -4.436  1.00 64.23 ? 10  G   A C5    1 
ATOM   208 C  C6    . G   A 1 10 ? -8.800  -3.982  -3.663  1.00 64.06 ? 10  G   A C6    1 
ATOM   209 O  O6    . G   A 1 10 ? -9.413  -4.724  -2.862  1.00 63.17 ? 10  G   A O6    1 
ATOM   210 N  N1    . G   A 1 10 ? -7.425  -4.163  -3.888  1.00 64.00 ? 10  G   A N1    1 
ATOM   211 C  C2    . G   A 1 10 ? -6.655  -3.381  -4.733  1.00 63.72 ? 10  G   A C2    1 
ATOM   212 N  N2    . G   A 1 10 ? -5.354  -3.697  -4.816  1.00 63.25 ? 10  G   A N2    1 
ATOM   213 N  N3    . G   A 1 10 ? -7.128  -2.358  -5.441  1.00 63.91 ? 10  G   A N3    1 
ATOM   214 C  C4    . G   A 1 10 ? -8.454  -2.171  -5.249  1.00 64.11 ? 10  G   A C4    1 
ATOM   215 P  P     . U   A 1 11 ? -8.079  0.340   -10.807 1.00 67.33 ? 11  U   A P     1 
ATOM   216 O  OP1   . U   A 1 11 ? -9.280  0.896   -11.481 1.00 67.46 ? 11  U   A OP1   1 
ATOM   217 O  OP2   . U   A 1 11 ? -7.890  -1.136  -10.776 1.00 67.83 ? 11  U   A OP2   1 
ATOM   218 O  "O5'" . U   A 1 11 ? -6.794  0.968   -11.501 1.00 67.75 ? 11  U   A "O5'" 1 
ATOM   219 C  "C5'" . U   A 1 11 ? -6.621  2.386   -11.562 1.00 68.49 ? 11  U   A "C5'" 1 
ATOM   220 C  "C4'" . U   A 1 11 ? -5.155  2.728   -11.649 1.00 69.20 ? 11  U   A "C4'" 1 
ATOM   221 O  "O4'" . U   A 1 11 ? -4.633  2.969   -10.317 1.00 69.18 ? 11  U   A "O4'" 1 
ATOM   222 C  "C3'" . U   A 1 11 ? -4.237  1.685   -12.272 1.00 69.75 ? 11  U   A "C3'" 1 
ATOM   223 O  "O3'" . U   A 1 11 ? -4.175  1.969   -13.662 1.00 71.19 ? 11  U   A "O3'" 1 
ATOM   224 C  "C2'" . U   A 1 11 ? -2.908  1.991   -11.590 1.00 69.56 ? 11  U   A "C2'" 1 
ATOM   225 O  "O2'" . U   A 1 11 ? -2.225  3.105   -12.141 1.00 69.66 ? 11  U   A "O2'" 1 
ATOM   226 C  "C1'" . U   A 1 11 ? -3.369  2.358   -10.183 1.00 69.15 ? 11  U   A "C1'" 1 
ATOM   227 N  N1    . U   A 1 11 ? -3.526  1.206   -9.293  1.00 68.67 ? 11  U   A N1    1 
ATOM   228 C  C2    . U   A 1 11 ? -2.385  0.548   -8.888  1.00 68.09 ? 11  U   A C2    1 
ATOM   229 O  O2    . U   A 1 11 ? -1.271  0.878   -9.248  1.00 67.78 ? 11  U   A O2    1 
ATOM   230 N  N3    . U   A 1 11 ? -2.597  -0.505  -8.043  1.00 67.84 ? 11  U   A N3    1 
ATOM   231 C  C4    . U   A 1 11 ? -3.804  -0.952  -7.573  1.00 68.39 ? 11  U   A C4    1 
ATOM   232 O  O4    . U   A 1 11 ? -3.830  -1.883  -6.778  1.00 68.79 ? 11  U   A O4    1 
ATOM   233 C  C5    . U   A 1 11 ? -4.941  -0.222  -8.044  1.00 68.73 ? 11  U   A C5    1 
ATOM   234 C  C6    . U   A 1 11 ? -4.765  0.806   -8.869  1.00 68.48 ? 11  U   A C6    1 
ATOM   235 P  P     . A   A 1 12 ? -3.763  0.821   -14.734 1.00 72.35 ? 12  A   A P     1 
ATOM   236 O  OP1   . A   A 1 12 ? -3.336  1.675   -15.869 1.00 72.16 ? 12  A   A OP1   1 
ATOM   237 O  OP2   . A   A 1 12 ? -4.853  -0.212  -14.950 1.00 71.24 ? 12  A   A OP2   1 
ATOM   238 O  "O5'" . A   A 1 12 ? -2.410  0.184   -14.157 1.00 72.02 ? 12  A   A "O5'" 1 
ATOM   239 C  "C5'" . A   A 1 12 ? -1.134  0.822   -14.445 1.00 72.26 ? 12  A   A "C5'" 1 
ATOM   240 C  "C4'" . A   A 1 12 ? 0.015   -0.078  -14.082 1.00 72.45 ? 12  A   A "C4'" 1 
ATOM   241 O  "O4'" . A   A 1 12 ? 0.096   -0.186  -12.635 1.00 72.73 ? 12  A   A "O4'" 1 
ATOM   242 C  "C3'" . A   A 1 12 ? -0.110  -1.510  -14.565 1.00 72.34 ? 12  A   A "C3'" 1 
ATOM   243 O  "O3'" . A   A 1 12 ? 0.383   -1.664  -15.870 1.00 72.21 ? 12  A   A "O3'" 1 
ATOM   244 C  "C2'" . A   A 1 12 ? 0.735   -2.268  -13.562 1.00 72.52 ? 12  A   A "C2'" 1 
ATOM   245 O  "O2'" . A   A 1 12 ? 2.115   -2.191  -13.818 1.00 72.26 ? 12  A   A "O2'" 1 
ATOM   246 C  "C1'" . A   A 1 12 ? 0.386   -1.526  -12.273 1.00 72.84 ? 12  A   A "C1'" 1 
ATOM   247 N  N9    . A   A 1 12 ? -0.780  -2.101  -11.586 1.00 73.10 ? 12  A   A N9    1 
ATOM   248 C  C8    . A   A 1 12 ? -2.018  -1.559  -11.333 1.00 72.80 ? 12  A   A C8    1 
ATOM   249 N  N7    . A   A 1 12 ? -2.817  -2.359  -10.674 1.00 73.11 ? 12  A   A N7    1 
ATOM   250 C  C5    . A   A 1 12 ? -2.060  -3.507  -10.485 1.00 73.64 ? 12  A   A C5    1 
ATOM   251 C  C6    . A   A 1 12 ? -2.336  -4.747  -9.865  1.00 74.18 ? 12  A   A C6    1 
ATOM   252 N  N6    . A   A 1 12 ? -3.496  -5.054  -9.277  1.00 74.42 ? 12  A   A N6    1 
ATOM   253 N  N1    . A   A 1 12 ? -1.358  -5.681  -9.871  1.00 74.80 ? 12  A   A N1    1 
ATOM   254 C  C2    . A   A 1 12 ? -0.190  -5.387  -10.458 1.00 74.11 ? 12  A   A C2    1 
ATOM   255 N  N3    . A   A 1 12 ? 0.183   -4.272  -11.066 1.00 73.90 ? 12  A   A N3    1 
ATOM   256 C  C4    . A   A 1 12 ? -0.807  -3.362  -11.043 1.00 73.44 ? 12  A   A C4    1 
ATOM   257 P  P     . C   A 1 13 ? -0.466  -2.522  -16.923 1.00 72.33 ? 13  C   A P     1 
ATOM   258 O  OP1   . C   A 1 13 ? 0.217   -2.484  -18.250 1.00 72.70 ? 13  C   A OP1   1 
ATOM   259 O  OP2   . C   A 1 13 ? -1.887  -2.097  -16.827 1.00 72.60 ? 13  C   A OP2   1 
ATOM   260 O  "O5'" . C   A 1 13 ? -0.342  -3.992  -16.333 1.00 71.87 ? 13  C   A "O5'" 1 
ATOM   261 C  "C5'" . C   A 1 13 ? 0.919   -4.485  -15.882 1.00 70.80 ? 13  C   A "C5'" 1 
ATOM   262 C  "C4'" . C   A 1 13 ? 0.712   -5.715  -15.048 1.00 70.38 ? 13  C   A "C4'" 1 
ATOM   263 O  "O4'" . C   A 1 13 ? 0.128   -5.299  -13.791 1.00 70.59 ? 13  C   A "O4'" 1 
ATOM   264 C  "C3'" . C   A 1 13 ? -0.298  -6.720  -15.586 1.00 70.07 ? 13  C   A "C3'" 1 
ATOM   265 O  "O3'" . C   A 1 13 ? 0.289   -7.627  -16.501 1.00 69.30 ? 13  C   A "O3'" 1 
ATOM   266 C  "C2'" . C   A 1 13 ? -0.700  -7.455  -14.322 1.00 70.44 ? 13  C   A "C2'" 1 
ATOM   267 O  "O2'" . C   A 1 13 ? 0.292   -8.346  -13.862 1.00 70.76 ? 13  C   A "O2'" 1 
ATOM   268 C  "C1'" . C   A 1 13 ? -0.772  -6.296  -13.336 1.00 70.99 ? 13  C   A "C1'" 1 
ATOM   269 N  N1    . C   A 1 13 ? -2.130  -5.753  -13.299 1.00 71.58 ? 13  C   A N1    1 
ATOM   270 C  C2    . C   A 1 13 ? -3.065  -6.445  -12.557 1.00 72.06 ? 13  C   A C2    1 
ATOM   271 O  O2    . C   A 1 13 ? -2.693  -7.470  -11.970 1.00 71.72 ? 13  C   A O2    1 
ATOM   272 N  N3    . C   A 1 13 ? -4.348  -5.993  -12.495 1.00 72.34 ? 13  C   A N3    1 
ATOM   273 C  C4    . C   A 1 13 ? -4.686  -4.882  -13.146 1.00 72.39 ? 13  C   A C4    1 
ATOM   274 N  N4    . C   A 1 13 ? -5.944  -4.462  -13.047 1.00 72.51 ? 13  C   A N4    1 
ATOM   275 C  C5    . C   A 1 13 ? -3.737  -4.146  -13.924 1.00 72.36 ? 13  C   A C5    1 
ATOM   276 C  C6    . C   A 1 13 ? -2.481  -4.613  -13.971 1.00 72.02 ? 13  C   A C6    1 
ATOM   277 P  P     . G   A 1 14 ? -0.564  -8.142  -17.760 1.00 68.78 ? 14  G   A P     1 
ATOM   278 O  OP1   . G   A 1 14 ? 0.248   -9.042  -18.622 1.00 68.46 ? 14  G   A OP1   1 
ATOM   279 O  OP2   . G   A 1 14 ? -1.209  -6.926  -18.354 1.00 68.61 ? 14  G   A OP2   1 
ATOM   280 O  "O5'" . G   A 1 14 ? -1.635  -9.095  -17.080 1.00 68.35 ? 14  G   A "O5'" 1 
ATOM   281 C  "C5'" . G   A 1 14 ? -1.203  -10.257 -16.375 1.00 67.76 ? 14  G   A "C5'" 1 
ATOM   282 C  "C4'" . G   A 1 14 ? -2.389  -10.985 -15.838 1.00 67.43 ? 14  G   A "C4'" 1 
ATOM   283 O  "O4'" . G   A 1 14 ? -2.856  -10.281 -14.665 1.00 67.53 ? 14  G   A "O4'" 1 
ATOM   284 C  "C3'" . G   A 1 14 ? -3.597  -11.009 -16.758 1.00 67.37 ? 14  G   A "C3'" 1 
ATOM   285 O  "O3'" . G   A 1 14 ? -3.482  -12.094 -17.682 1.00 67.54 ? 14  G   A "O3'" 1 
ATOM   286 C  "C2'" . G   A 1 14 ? -4.711  -11.272 -15.760 1.00 67.33 ? 14  G   A "C2'" 1 
ATOM   287 O  "O2'" . G   A 1 14 ? -4.794  -12.627 -15.405 1.00 67.94 ? 14  G   A "O2'" 1 
ATOM   288 C  "C1'" . G   A 1 14 ? -4.257  -10.444 -14.553 1.00 67.59 ? 14  G   A "C1'" 1 
ATOM   289 N  N9    . G   A 1 14 ? -4.892  -9.139  -14.644 1.00 67.76 ? 14  G   A N9    1 
ATOM   290 C  C8    . G   A 1 14 ? -4.395  -8.014  -15.254 1.00 67.98 ? 14  G   A C8    1 
ATOM   291 N  N7    . G   A 1 14 ? -5.228  -7.014  -15.228 1.00 68.23 ? 14  G   A N7    1 
ATOM   292 C  C5    . G   A 1 14 ? -6.337  -7.510  -14.558 1.00 68.01 ? 14  G   A C5    1 
ATOM   293 C  C6    . G   A 1 14 ? -7.581  -6.920  -14.318 1.00 68.01 ? 14  G   A C6    1 
ATOM   294 O  O6    . G   A 1 14 ? -7.949  -5.774  -14.604 1.00 68.26 ? 14  G   A O6    1 
ATOM   295 N  N1    . G   A 1 14 ? -8.451  -7.799  -13.677 1.00 67.68 ? 14  G   A N1    1 
ATOM   296 C  C2    . G   A 1 14 ? -8.152  -9.084  -13.317 1.00 67.22 ? 14  G   A C2    1 
ATOM   297 N  N2    . G   A 1 14 ? -9.119  -9.785  -12.697 1.00 66.41 ? 14  G   A N2    1 
ATOM   298 N  N3    . G   A 1 14 ? -6.988  -9.646  -13.547 1.00 67.68 ? 14  G   A N3    1 
ATOM   299 C  C4    . G   A 1 14 ? -6.135  -8.809  -14.171 1.00 67.74 ? 14  G   A C4    1 
ATOM   300 P  P     . A   A 1 15 ? -3.994  -11.936 -19.208 1.00 67.58 ? 15  A   A P     1 
ATOM   301 O  OP1   . A   A 1 15 ? -4.085  -13.325 -19.731 1.00 67.82 ? 15  A   A OP1   1 
ATOM   302 O  OP2   . A   A 1 15 ? -3.159  -10.945 -19.931 1.00 67.72 ? 15  A   A OP2   1 
ATOM   303 O  "O5'" . A   A 1 15 ? -5.485  -11.358 -19.074 1.00 67.51 ? 15  A   A "O5'" 1 
ATOM   304 C  "C5'" . A   A 1 15 ? -6.328  -11.131 -20.254 1.00 66.45 ? 15  A   A "C5'" 1 
ATOM   305 C  "C4'" . A   A 1 15 ? -7.692  -11.791 -20.083 1.00 65.74 ? 15  A   A "C4'" 1 
ATOM   306 O  "O4'" . A   A 1 15 ? -7.555  -13.227 -20.262 1.00 65.77 ? 15  A   A "O4'" 1 
ATOM   307 C  "C3'" . A   A 1 15 ? -8.357  -11.642 -18.713 1.00 65.33 ? 15  A   A "C3'" 1 
ATOM   308 O  "O3'" . A   A 1 15 ? -9.114  -10.443 -18.661 1.00 64.48 ? 15  A   A "O3'" 1 
ATOM   309 C  "C2'" . A   A 1 15 ? -9.283  -12.864 -18.651 1.00 65.46 ? 15  A   A "C2'" 1 
ATOM   310 O  "O2'" . A   A 1 15 ? -10.562 -12.700 -19.250 1.00 65.19 ? 15  A   A "O2'" 1 
ATOM   311 C  "C1'" . A   A 1 15 ? -8.471  -13.910 -19.414 1.00 65.55 ? 15  A   A "C1'" 1 
ATOM   312 N  N9    . A   A 1 15 ? -7.714  -14.763 -18.507 1.00 65.66 ? 15  A   A N9    1 
ATOM   313 C  C8    . A   A 1 15 ? -6.376  -14.739 -18.233 1.00 65.77 ? 15  A   A C8    1 
ATOM   314 N  N7    . A   A 1 15 ? -5.998  -15.648 -17.372 1.00 66.32 ? 15  A   A N7    1 
ATOM   315 C  C5    . A   A 1 15 ? -7.172  -16.316 -17.060 1.00 66.26 ? 15  A   A C5    1 
ATOM   316 C  C6    . A   A 1 15 ? -7.454  -17.375 -16.185 1.00 66.51 ? 15  A   A C6    1 
ATOM   317 N  N6    . A   A 1 15 ? -6.530  -17.980 -15.426 1.00 66.42 ? 15  A   A N6    1 
ATOM   318 N  N1    . A   A 1 15 ? -8.739  -17.794 -16.102 1.00 66.79 ? 15  A   A N1    1 
ATOM   319 C  C2    . A   A 1 15 ? -9.666  -17.165 -16.829 1.00 66.49 ? 15  A   A C2    1 
ATOM   320 N  N3    . A   A 1 15 ? -9.521  -16.146 -17.670 1.00 66.72 ? 15  A   A N3    1 
ATOM   321 C  C4    . A   A 1 15 ? -8.235  -15.773 -17.747 1.00 65.95 ? 15  A   A C4    1 
ATOM   322 P  P     . G   A 1 16 ? -9.243  -9.637  -17.291 1.00 63.75 ? 16  G   A P     1 
ATOM   323 O  OP1   . G   A 1 16 ? -9.954  -8.383  -17.607 1.00 63.51 ? 16  G   A OP1   1 
ATOM   324 O  OP2   . G   A 1 16 ? -7.893  -9.596  -16.744 1.00 64.22 ? 16  G   A OP2   1 
ATOM   325 O  "O5'" . G   A 1 16 ? -10.127 -10.554 -16.339 1.00 64.11 ? 16  G   A "O5'" 1 
ATOM   326 C  "C5'" . G   A 1 16 ? -11.540 -10.739 -16.587 1.00 64.44 ? 16  G   A "C5'" 1 
ATOM   327 C  "C4'" . G   A 1 16 ? -12.059 -11.935 -15.822 1.00 64.52 ? 16  G   A "C4'" 1 
ATOM   328 O  "O4'" . G   A 1 16 ? -11.261 -13.089 -16.175 1.00 64.55 ? 16  G   A "O4'" 1 
ATOM   329 C  "C3'" . G   A 1 16 ? -11.961 -11.838 -14.307 1.00 64.75 ? 16  G   A "C3'" 1 
ATOM   330 O  "O3'" . G   A 1 16 ? -13.141 -11.312 -13.747 1.00 65.19 ? 16  G   A "O3'" 1 
ATOM   331 C  "C2'" . G   A 1 16 ? -11.848 -13.289 -13.869 1.00 64.87 ? 16  G   A "C2'" 1 
ATOM   332 O  "O2'" . G   A 1 16 ? -13.096 -13.920 -13.659 1.00 65.08 ? 16  G   A "O2'" 1 
ATOM   333 C  "C1'" . G   A 1 16 ? -11.101 -13.917 -15.040 1.00 64.85 ? 16  G   A "C1'" 1 
ATOM   334 N  N9    . G   A 1 16 ? -9.678  -14.023 -14.764 1.00 65.41 ? 16  G   A N9    1 
ATOM   335 C  C8    . G   A 1 16 ? -8.685  -13.188 -15.215 1.00 65.47 ? 16  G   A C8    1 
ATOM   336 N  N7    . G   A 1 16 ? -7.497  -13.546 -14.819 1.00 65.47 ? 16  G   A N7    1 
ATOM   337 C  C5    . G   A 1 16 ? -7.721  -14.686 -14.064 1.00 66.07 ? 16  G   A C5    1 
ATOM   338 C  C6    . G   A 1 16 ? -6.810  -15.526 -13.406 1.00 66.55 ? 16  G   A C6    1 
ATOM   339 O  O6    . G   A 1 16 ? -5.580  -15.437 -13.363 1.00 67.19 ? 16  G   A O6    1 
ATOM   340 N  N1    . G   A 1 16 ? -7.454  -16.570 -12.746 1.00 67.11 ? 16  G   A N1    1 
ATOM   341 C  C2    . G   A 1 16 ? -8.812  -16.786 -12.737 1.00 66.86 ? 16  G   A C2    1 
ATOM   342 N  N2    . G   A 1 16 ? -9.231  -17.868 -12.051 1.00 66.84 ? 16  G   A N2    1 
ATOM   343 N  N3    . G   A 1 16 ? -9.685  -16.005 -13.362 1.00 66.54 ? 16  G   A N3    1 
ATOM   344 C  C4    . G   A 1 16 ? -9.068  -14.981 -14.004 1.00 65.96 ? 16  G   A C4    1 
ATOM   345 P  P     . A   A 1 17 ? -13.045 -10.414 -12.432 1.00 65.52 ? 17  A   A P     1 
ATOM   346 O  OP1   . A   A 1 17 ? -14.230 -9.556  -12.332 1.00 65.51 ? 17  A   A OP1   1 
ATOM   347 O  OP2   . A   A 1 17 ? -11.693 -9.805  -12.487 1.00 65.85 ? 17  A   A OP2   1 
ATOM   348 O  "O5'" . A   A 1 17 ? -13.074 -11.424 -11.199 1.00 66.03 ? 17  A   A "O5'" 1 
ATOM   349 C  "C5'" . A   A 1 17 ? -13.692 -12.713 -11.289 1.00 66.31 ? 17  A   A "C5'" 1 
ATOM   350 C  "C4'" . A   A 1 17 ? -13.313 -13.563 -10.090 1.00 66.49 ? 17  A   A "C4'" 1 
ATOM   351 O  "O4'" . A   A 1 17 ? -12.326 -14.553 -10.491 1.00 66.86 ? 17  A   A "O4'" 1 
ATOM   352 C  "C3'" . A   A 1 17 ? -12.711 -12.839 -8.894  1.00 66.65 ? 17  A   A "C3'" 1 
ATOM   353 O  "O3'" . A   A 1 17 ? -13.714 -12.508 -7.943  1.00 66.70 ? 17  A   A "O3'" 1 
ATOM   354 C  "C2'" . A   A 1 17 ? -11.761 -13.879 -8.316  1.00 66.92 ? 17  A   A "C2'" 1 
ATOM   355 O  "O2'" . A   A 1 17 ? -12.433 -14.835 -7.524  1.00 67.31 ? 17  A   A "O2'" 1 
ATOM   356 C  "C1'" . A   A 1 17 ? -11.235 -14.547 -9.585  1.00 67.07 ? 17  A   A "C1'" 1 
ATOM   357 N  N9    . A   A 1 17 ? -10.117 -13.823 -10.203 1.00 67.50 ? 17  A   A N9    1 
ATOM   358 C  C8    . A   A 1 17 ? -10.185 -12.649 -10.923 1.00 67.75 ? 17  A   A C8    1 
ATOM   359 N  N7    . A   A 1 17 ? -9.027  -12.217 -11.348 1.00 67.87 ? 17  A   A N7    1 
ATOM   360 C  C5    . A   A 1 17 ? -8.125  -13.169 -10.877 1.00 68.19 ? 17  A   A C5    1 
ATOM   361 C  C6    . A   A 1 17 ? -6.707  -13.290 -10.995 1.00 68.06 ? 17  A   A C6    1 
ATOM   362 N  N6    . A   A 1 17 ? -5.927  -12.407 -11.648 1.00 67.58 ? 17  A   A N6    1 
ATOM   363 N  N1    . A   A 1 17 ? -6.123  -14.364 -10.414 1.00 67.62 ? 17  A   A N1    1 
ATOM   364 C  C2    . A   A 1 17 ? -6.903  -15.248 -9.775  1.00 67.90 ? 17  A   A C2    1 
ATOM   365 N  N3    . A   A 1 17 ? -8.232  -15.246 -9.604  1.00 68.16 ? 17  A   A N3    1 
ATOM   366 C  C4    . A   A 1 17 ? -8.787  -14.168 -10.181 1.00 67.83 ? 17  A   A C4    1 
ATOM   367 P  P     . G   A 1 18 ? -13.561 -11.174 -7.070  1.00 67.51 ? 18  G   A P     1 
ATOM   368 O  OP1   . G   A 1 18 ? -14.851 -10.834 -6.392  1.00 67.52 ? 18  G   A OP1   1 
ATOM   369 O  OP2   . G   A 1 18 ? -12.908 -10.150 -7.951  1.00 67.48 ? 18  G   A OP2   1 
ATOM   370 O  "O5'" . G   A 1 18 ? -12.553 -11.599 -5.912  1.00 66.91 ? 18  G   A "O5'" 1 
ATOM   371 C  "C5'" . G   A 1 18 ? -11.440 -10.751 -5.564  1.00 66.32 ? 18  G   A "C5'" 1 
ATOM   372 C  "C4'" . G   A 1 18 ? -10.171 -11.285 -6.187  1.00 65.71 ? 18  G   A "C4'" 1 
ATOM   373 O  "O4'" . G   A 1 18 ? -10.205 -11.110 -7.625  1.00 65.29 ? 18  G   A "O4'" 1 
ATOM   374 C  "C3'" . G   A 1 18 ? -8.916  -10.556 -5.785  1.00 65.32 ? 18  G   A "C3'" 1 
ATOM   375 O  "O3'" . G   A 1 18 ? -8.512  -10.954 -4.488  1.00 65.00 ? 18  G   A "O3'" 1 
ATOM   376 C  "C2'" . G   A 1 18 ? -7.962  -10.959 -6.906  1.00 65.37 ? 18  G   A "C2'" 1 
ATOM   377 O  "O2'" . G   A 1 18 ? -7.434  -12.277 -6.869  1.00 65.56 ? 18  G   A "O2'" 1 
ATOM   378 C  "C1'" . G   A 1 18 ? -8.894  -10.864 -8.107  1.00 65.10 ? 18  G   A "C1'" 1 
ATOM   379 N  N9    . G   A 1 18 ? -8.892  -9.551  -8.735  1.00 64.77 ? 18  G   A N9    1 
ATOM   380 C  C8    . G   A 1 18 ? -9.972  -8.717  -8.868  1.00 64.55 ? 18  G   A C8    1 
ATOM   381 N  N7    . G   A 1 18 ? -9.686  -7.604  -9.484  1.00 64.29 ? 18  G   A N7    1 
ATOM   382 C  C5    . G   A 1 18 ? -8.336  -7.707  -9.776  1.00 63.86 ? 18  G   A C5    1 
ATOM   383 C  C6    . G   A 1 18 ? -7.491  -6.825  -10.488 1.00 63.57 ? 18  G   A C6    1 
ATOM   384 O  O6    . G   A 1 18 ? -7.767  -5.749  -10.982 1.00 62.47 ? 18  G   A O6    1 
ATOM   385 N  N1    . G   A 1 18 ? -6.202  -7.324  -10.595 1.00 63.84 ? 18  G   A N1    1 
ATOM   386 C  C2    . G   A 1 18 ? -5.782  -8.525  -10.081 1.00 64.24 ? 18  G   A C2    1 
ATOM   387 N  N2    . G   A 1 18 ? -4.491  -8.809  -10.255 1.00 64.42 ? 18  G   A N2    1 
ATOM   388 N  N3    . G   A 1 18 ? -6.571  -9.376  -9.435  1.00 63.87 ? 18  G   A N3    1 
ATOM   389 C  C4    . G   A 1 18 ? -7.827  -8.901  -9.316  1.00 64.17 ? 18  G   A C4    1 
ATOM   390 P  P     . G   A 1 19 ? -7.979  -9.842  -3.461  1.00 65.10 ? 19  G   A P     1 
ATOM   391 O  OP1   . G   A 1 19 ? -7.270  -10.499 -2.313  1.00 64.77 ? 19  G   A OP1   1 
ATOM   392 O  OP2   . G   A 1 19 ? -9.062  -8.836  -3.201  1.00 64.57 ? 19  G   A OP2   1 
ATOM   393 O  "O5'" . G   A 1 19 ? -6.858  -9.094  -4.299  1.00 64.14 ? 19  G   A "O5'" 1 
ATOM   394 C  "C5'" . G   A 1 19 ? -5.649  -9.744  -4.641  1.00 62.38 ? 19  G   A "C5'" 1 
ATOM   395 C  "C4'" . G   A 1 19 ? -4.796  -8.784  -5.411  1.00 61.99 ? 19  G   A "C4'" 1 
ATOM   396 O  "O4'" . G   A 1 19 ? -5.420  -8.536  -6.701  1.00 61.34 ? 19  G   A "O4'" 1 
ATOM   397 C  "C3'" . G   A 1 19 ? -4.726  -7.394  -4.810  1.00 61.69 ? 19  G   A "C3'" 1 
ATOM   398 O  "O3'" . G   A 1 19 ? -3.805  -7.358  -3.745  1.00 62.51 ? 19  G   A "O3'" 1 
ATOM   399 C  "C2'" . G   A 1 19 ? -4.291  -6.582  -6.020  1.00 61.01 ? 19  G   A "C2'" 1 
ATOM   400 O  "O2'" . G   A 1 19 ? -2.940  -6.773  -6.380  1.00 60.10 ? 19  G   A "O2'" 1 
ATOM   401 C  "C1'" . G   A 1 19 ? -5.205  -7.189  -7.085  1.00 60.75 ? 19  G   A "C1'" 1 
ATOM   402 N  N9    . G   A 1 19 ? -6.494  -6.516  -7.099  1.00 60.16 ? 19  G   A N9    1 
ATOM   403 C  C8    . G   A 1 19 ? -7.619  -6.865  -6.399  1.00 59.91 ? 19  G   A C8    1 
ATOM   404 N  N7    . G   A 1 19 ? -8.618  -6.051  -6.601  1.00 59.69 ? 19  G   A N7    1 
ATOM   405 C  C5    . G   A 1 19 ? -8.116  -5.103  -7.481  1.00 59.49 ? 19  G   A C5    1 
ATOM   406 C  C6    . G   A 1 19 ? -8.737  -3.971  -8.062  1.00 59.39 ? 19  G   A C6    1 
ATOM   407 O  O6    . G   A 1 19 ? -9.876  -3.562  -7.882  1.00 60.03 ? 19  G   A O6    1 
ATOM   408 N  N1    . G   A 1 19 ? -7.876  -3.295  -8.935  1.00 58.87 ? 19  G   A N1    1 
ATOM   409 C  C2    . G   A 1 19 ? -6.582  -3.674  -9.207  1.00 58.33 ? 19  G   A C2    1 
ATOM   410 N  N2    . G   A 1 19 ? -5.910  -2.928  -10.067 1.00 57.26 ? 19  G   A N2    1 
ATOM   411 N  N3    . G   A 1 19 ? -5.996  -4.721  -8.663  1.00 58.77 ? 19  G   A N3    1 
ATOM   412 C  C4    . G   A 1 19 ? -6.814  -5.384  -7.812  1.00 59.63 ? 19  G   A C4    1 
ATOM   413 P  P     . A   A 1 20 ? -3.900  -6.201  -2.650  1.00 63.35 ? 20  A   A P     1 
ATOM   414 O  OP1   . A   A 1 20 ? -3.126  -6.634  -1.475  1.00 62.97 ? 20  A   A OP1   1 
ATOM   415 O  OP2   . A   A 1 20 ? -5.302  -5.759  -2.493  1.00 63.64 ? 20  A   A OP2   1 
ATOM   416 O  "O5'" . A   A 1 20 ? -3.148  -4.972  -3.313  1.00 64.75 ? 20  A   A "O5'" 1 
ATOM   417 C  "C5'" . A   A 1 20 ? -1.867  -4.543  -2.836  1.00 66.11 ? 20  A   A "C5'" 1 
ATOM   418 C  "C4'" . A   A 1 20 ? -0.783  -5.377  -3.467  1.00 67.14 ? 20  A   A "C4'" 1 
ATOM   419 O  "O4'" . A   A 1 20 ? -1.076  -5.574  -4.877  1.00 68.13 ? 20  A   A "O4'" 1 
ATOM   420 C  "C3'" . A   A 1 20 ? 0.596   -4.751  -3.423  1.00 67.76 ? 20  A   A "C3'" 1 
ATOM   421 O  "O3'" . A   A 1 20 ? 1.202   -5.130  -2.193  1.00 67.35 ? 20  A   A "O3'" 1 
ATOM   422 C  "C2'" . A   A 1 20 ? 1.272   -5.378  -4.645  1.00 68.48 ? 20  A   A "C2'" 1 
ATOM   423 O  "O2'" . A   A 1 20 ? 1.698   -6.704  -4.452  1.00 69.65 ? 20  A   A "O2'" 1 
ATOM   424 C  "C1'" . A   A 1 20 ? 0.116   -5.461  -5.642  1.00 68.71 ? 20  A   A "C1'" 1 
ATOM   425 N  N9    . A   A 1 20 ? 0.028   -4.295  -6.538  1.00 69.39 ? 20  A   A N9    1 
ATOM   426 C  C8    . A   A 1 20 ? -0.974  -3.356  -6.662  1.00 69.25 ? 20  A   A C8    1 
ATOM   427 N  N7    . A   A 1 20 ? -0.720  -2.428  -7.563  1.00 69.49 ? 20  A   A N7    1 
ATOM   428 C  C5    . A   A 1 20 ? 0.525   -2.779  -8.071  1.00 68.97 ? 20  A   A C5    1 
ATOM   429 C  C6    . A   A 1 20 ? 1.346   -2.212  -9.073  1.00 68.74 ? 20  A   A C6    1 
ATOM   430 N  N6    . A   A 1 20 ? 1.057   -1.105  -9.755  1.00 68.24 ? 20  A   A N6    1 
ATOM   431 N  N1    . A   A 1 20 ? 2.508   -2.834  -9.349  1.00 69.25 ? 20  A   A N1    1 
ATOM   432 C  C2    . A   A 1 20 ? 2.833   -3.932  -8.651  1.00 69.22 ? 20  A   A C2    1 
ATOM   433 N  N3    . A   A 1 20 ? 2.162   -4.550  -7.688  1.00 68.91 ? 20  A   A N3    1 
ATOM   434 C  C4    . A   A 1 20 ? 0.999   -3.923  -7.446  1.00 69.25 ? 20  A   A C4    1 
ATOM   435 P  P     . A   A 1 21 ? 1.698   -4.007  -1.157  1.00 67.69 ? 21  A   A P     1 
ATOM   436 O  OP1   . A   A 1 21 ? 1.602   -4.485  0.260   1.00 67.60 ? 21  A   A OP1   1 
ATOM   437 O  OP2   . A   A 1 21 ? 1.051   -2.719  -1.514  1.00 67.94 ? 21  A   A OP2   1 
ATOM   438 O  "O5'" . A   A 1 21 ? 3.256   -3.934  -1.516  1.00 67.85 ? 21  A   A "O5'" 1 
ATOM   439 C  "C5'" . A   A 1 21 ? 3.944   -5.117  -2.026  1.00 67.53 ? 21  A   A "C5'" 1 
ATOM   440 C  "C4'" . A   A 1 21 ? 4.799   -4.773  -3.230  1.00 67.23 ? 21  A   A "C4'" 1 
ATOM   441 O  "O4'" . A   A 1 21 ? 3.983   -4.665  -4.424  1.00 67.09 ? 21  A   A "O4'" 1 
ATOM   442 C  "C3'" . A   A 1 21 ? 5.557   -3.458  -3.172  1.00 66.74 ? 21  A   A "C3'" 1 
ATOM   443 O  "O3'" . A   A 1 21 ? 6.751   -3.660  -2.417  1.00 66.98 ? 21  A   A "O3'" 1 
ATOM   444 C  "C2'" . A   A 1 21 ? 5.853   -3.204  -4.649  1.00 66.60 ? 21  A   A "C2'" 1 
ATOM   445 O  "O2'" . A   A 1 21 ? 6.963   -3.913  -5.162  1.00 66.18 ? 21  A   A "O2'" 1 
ATOM   446 C  "C1'" . A   A 1 21 ? 4.584   -3.744  -5.316  1.00 66.99 ? 21  A   A "C1'" 1 
ATOM   447 N  N9    . A   A 1 21 ? 3.598   -2.715  -5.659  1.00 67.47 ? 21  A   A N9    1 
ATOM   448 C  C8    . A   A 1 21 ? 2.326   -2.547  -5.170  1.00 67.37 ? 21  A   A C8    1 
ATOM   449 N  N7    . A   A 1 21 ? 1.693   -1.521  -5.688  1.00 67.87 ? 21  A   A N7    1 
ATOM   450 C  C5    . A   A 1 21 ? 2.610   -0.973  -6.585  1.00 67.99 ? 21  A   A C5    1 
ATOM   451 C  C6    . A   A 1 21 ? 2.557   0.151   -7.462  1.00 67.86 ? 21  A   A C6    1 
ATOM   452 N  N6    . A   A 1 21 ? 1.497   0.939   -7.618  1.00 68.36 ? 21  A   A N6    1 
ATOM   453 N  N1    . A   A 1 21 ? 3.652   0.432   -8.185  1.00 67.93 ? 21  A   A N1    1 
ATOM   454 C  C2    . A   A 1 21 ? 4.726   -0.368  -8.058  1.00 68.10 ? 21  A   A C2    1 
ATOM   455 N  N3    . A   A 1 21 ? 4.897   -1.445  -7.297  1.00 67.88 ? 21  A   A N3    1 
ATOM   456 C  C4    . A   A 1 21 ? 3.790   -1.697  -6.572  1.00 67.85 ? 21  A   A C4    1 
ATOM   457 P  P     . C   A 1 22 ? 7.157   -2.620  -1.277  1.00 65.98 ? 22  C   A P     1 
ATOM   458 O  OP1   . C   A 1 22 ? 8.127   -3.270  -0.413  1.00 66.78 ? 22  C   A OP1   1 
ATOM   459 O  OP2   . C   A 1 22 ? 5.924   -2.087  -0.715  1.00 66.40 ? 22  C   A OP2   1 
ATOM   460 O  "O5'" . C   A 1 22 ? 7.958   -1.513  -2.069  1.00 67.08 ? 22  C   A "O5'" 1 
ATOM   461 C  "C5'" . C   A 1 22 ? 9.168   -1.860  -2.736  1.00 68.35 ? 22  C   A "C5'" 1 
ATOM   462 C  "C4'" . C   A 1 22 ? 9.604   -0.736  -3.630  1.00 69.57 ? 22  C   A "C4'" 1 
ATOM   463 O  "O4'" . C   A 1 22 ? 8.794   -0.776  -4.845  1.00 69.86 ? 22  C   A "O4'" 1 
ATOM   464 C  "C3'" . C   A 1 22 ? 9.431   0.683   -3.082  1.00 70.19 ? 22  C   A "C3'" 1 
ATOM   465 O  "O3'" . C   A 1 22 ? 10.556  1.122   -2.300  1.00 71.00 ? 22  C   A "O3'" 1 
ATOM   466 C  "C2'" . C   A 1 22 ? 9.367   1.484   -4.374  1.00 70.33 ? 22  C   A "C2'" 1 
ATOM   467 O  "O2'" . C   A 1 22 ? 10.674  1.690   -4.890  1.00 70.22 ? 22  C   A "O2'" 1 
ATOM   468 C  "C1'" . C   A 1 22 ? 8.528   0.556   -5.278  1.00 70.40 ? 22  C   A "C1'" 1 
ATOM   469 N  N1    . C   A 1 22 ? 7.057   0.810   -5.205  1.00 70.42 ? 22  C   A N1    1 
ATOM   470 C  C2    . C   A 1 22 ? 6.558   2.029   -5.697  1.00 70.74 ? 22  C   A C2    1 
ATOM   471 O  O2    . C   A 1 22 ? 7.346   2.845   -6.189  1.00 70.49 ? 22  C   A O2    1 
ATOM   472 N  N3    . C   A 1 22 ? 5.224   2.279   -5.625  1.00 71.01 ? 22  C   A N3    1 
ATOM   473 C  C4    . C   A 1 22 ? 4.403   1.370   -5.089  1.00 70.72 ? 22  C   A C4    1 
ATOM   474 N  N4    . C   A 1 22 ? 3.100   1.664   -5.030  1.00 70.71 ? 22  C   A N4    1 
ATOM   475 C  C5    . C   A 1 22 ? 4.882   0.125   -4.589  1.00 70.21 ? 22  C   A C5    1 
ATOM   476 C  C6    . C   A 1 22 ? 6.201   -0.112  -4.665  1.00 70.16 ? 22  C   A C6    1 
ATOM   477 P  P     . C   A 1 23 ? 10.318  2.063   -1.002  1.00 71.85 ? 23  C   A P     1 
ATOM   478 O  OP1   . C   A 1 23 ? 11.616  2.340   -0.339  1.00 71.93 ? 23  C   A OP1   1 
ATOM   479 O  OP2   . C   A 1 23 ? 9.209   1.455   -0.217  1.00 71.62 ? 23  C   A OP2   1 
ATOM   480 O  "O5'" . C   A 1 23 ? 9.872   3.457   -1.629  1.00 72.63 ? 23  C   A "O5'" 1 
ATOM   481 C  "C5'" . C   A 1 23 ? 10.728  4.096   -2.594  1.00 73.66 ? 23  C   A "C5'" 1 
ATOM   482 C  "C4'" . C   A 1 23 ? 10.021  5.229   -3.306  1.00 74.28 ? 23  C   A "C4'" 1 
ATOM   483 O  "O4'" . C   A 1 23 ? 8.782   4.815   -3.962  1.00 75.13 ? 23  C   A "O4'" 1 
ATOM   484 C  "C3'" . C   A 1 23 ? 9.540   6.414   -2.497  1.00 74.31 ? 23  C   A "C3'" 1 
ATOM   485 O  "O3'" . C   A 1 23 ? 10.575  7.222   -1.958  1.00 73.19 ? 23  C   A "O3'" 1 
ATOM   486 C  "C2'" . C   A 1 23 ? 8.756   7.145   -3.568  1.00 74.90 ? 23  C   A "C2'" 1 
ATOM   487 O  "O2'" . C   A 1 23 ? 9.599   7.795   -4.493  1.00 74.91 ? 23  C   A "O2'" 1 
ATOM   488 C  "C1'" . C   A 1 23 ? 7.967   5.973   -4.184  1.00 75.39 ? 23  C   A "C1'" 1 
ATOM   489 N  N1    . C   A 1 23 ? 6.706   5.826   -3.418  1.00 76.53 ? 23  C   A N1    1 
ATOM   490 C  C2    . C   A 1 23 ? 6.075   7.009   -2.973  1.00 76.48 ? 23  C   A C2    1 
ATOM   491 O  O2    . C   A 1 23 ? 6.556   8.097   -3.291  1.00 76.51 ? 23  C   A O2    1 
ATOM   492 N  N3    . C   A 1 23 ? 4.962   6.934   -2.217  1.00 76.82 ? 23  C   A N3    1 
ATOM   493 C  C4    . C   A 1 23 ? 4.445   5.750   -1.908  1.00 76.86 ? 23  C   A C4    1 
ATOM   494 N  N4    . C   A 1 23 ? 3.343   5.762   -1.156  1.00 76.44 ? 23  C   A N4    1 
ATOM   495 C  C5    . C   A 1 23 ? 5.042   4.510   -2.363  1.00 76.61 ? 23  C   A C5    1 
ATOM   496 C  C6    . C   A 1 23 ? 6.166   4.597   -3.112  1.00 76.40 ? 23  C   A C6    1 
ATOM   497 P  P     . G   A 1 24 ? 10.508  7.625   -0.411  1.00 72.64 ? 24  G   A P     1 
ATOM   498 O  OP1   . G   A 1 24 ? 11.541  8.646   -0.047  1.00 72.60 ? 24  G   A OP1   1 
ATOM   499 O  OP2   . G   A 1 24 ? 10.448  6.313   0.305   1.00 72.83 ? 24  G   A OP2   1 
ATOM   500 O  "O5'" . G   A 1 24 ? 9.111   8.365   -0.280  1.00 72.37 ? 24  G   A "O5'" 1 
ATOM   501 C  "C5'" . G   A 1 24 ? 8.978   9.733   -0.692  1.00 71.05 ? 24  G   A "C5'" 1 
ATOM   502 C  "C4'" . G   A 1 24 ? 7.642   10.282  -0.261  1.00 70.03 ? 24  G   A "C4'" 1 
ATOM   503 O  "O4'" . G   A 1 24 ? 6.598   9.347   -0.621  1.00 70.18 ? 24  G   A "O4'" 1 
ATOM   504 C  "C3'" . G   A 1 24 ? 7.471   10.471  1.232   1.00 69.09 ? 24  G   A "C3'" 1 
ATOM   505 O  "O3'" . G   A 1 24 ? 7.908   11.751  1.602   1.00 67.95 ? 24  G   A "O3'" 1 
ATOM   506 C  "C2'" . G   A 1 24 ? 5.963   10.420  1.404   1.00 69.22 ? 24  G   A "C2'" 1 
ATOM   507 O  "O2'" . G   A 1 24 ? 5.356   11.671  1.171   1.00 68.72 ? 24  G   A "O2'" 1 
ATOM   508 C  "C1'" . G   A 1 24 ? 5.562   9.409   0.336   1.00 69.76 ? 24  G   A "C1'" 1 
ATOM   509 N  N9    . G   A 1 24 ? 5.323   8.066   0.852   1.00 70.33 ? 24  G   A N9    1 
ATOM   510 C  C8    . G   A 1 24 ? 6.021   6.913   0.571   1.00 69.84 ? 24  G   A C8    1 
ATOM   511 N  N7    . G   A 1 24 ? 5.529   5.866   1.169   1.00 70.16 ? 24  G   A N7    1 
ATOM   512 C  C5    . G   A 1 24 ? 4.446   6.356   1.900   1.00 70.50 ? 24  G   A C5    1 
ATOM   513 C  C6    . G   A 1 24 ? 3.479   5.684   2.737   1.00 70.29 ? 24  G   A C6    1 
ATOM   514 O  O6    . G   A 1 24 ? 3.408   4.492   3.049   1.00 69.76 ? 24  G   A O6    1 
ATOM   515 N  N1    . G   A 1 24 ? 2.529   6.568   3.227   1.00 70.66 ? 24  G   A N1    1 
ATOM   516 C  C2    . G   A 1 24 ? 2.483   7.906   2.969   1.00 70.38 ? 24  G   A C2    1 
ATOM   517 N  N2    . G   A 1 24 ? 1.469   8.578   3.533   1.00 70.13 ? 24  G   A N2    1 
ATOM   518 N  N3    . G   A 1 24 ? 3.364   8.543   2.214   1.00 70.89 ? 24  G   A N3    1 
ATOM   519 C  C4    . G   A 1 24 ? 4.311   7.710   1.716   1.00 70.65 ? 24  G   A C4    1 
ATOM   520 P  P     . C   A 1 25 ? 7.823   12.192  3.134   1.00 67.53 ? 25  C   A P     1 
ATOM   521 O  OP1   . C   A 1 25 ? 8.406   13.567  3.277   1.00 67.77 ? 25  C   A OP1   1 
ATOM   522 O  OP2   . C   A 1 25 ? 8.383   11.058  3.923   1.00 67.32 ? 25  C   A OP2   1 
ATOM   523 O  "O5'" . C   A 1 25 ? 6.269   12.341  3.431   1.00 66.23 ? 25  C   A "O5'" 1 
ATOM   524 C  "C5'" . C   A 1 25 ? 5.817   13.377  4.305   1.00 64.14 ? 25  C   A "C5'" 1 
ATOM   525 C  "C4'" . C   A 1 25 ? 4.353   13.219  4.602   1.00 63.21 ? 25  C   A "C4'" 1 
ATOM   526 O  "O4'" . C   A 1 25 ? 3.740   12.060  3.951   1.00 62.79 ? 25  C   A "O4'" 1 
ATOM   527 C  "C3'" . C   A 1 25 ? 4.120   12.956  6.060   1.00 62.38 ? 25  C   A "C3'" 1 
ATOM   528 O  "O3'" . C   A 1 25 ? 4.299   14.156  6.762   1.00 62.18 ? 25  C   A "O3'" 1 
ATOM   529 C  "C2'" . C   A 1 25 ? 2.704   12.421  6.054   1.00 61.93 ? 25  C   A "C2'" 1 
ATOM   530 O  "O2'" . C   A 1 25 ? 1.749   13.448  5.960   1.00 61.54 ? 25  C   A "O2'" 1 
ATOM   531 C  "C1'" . C   A 1 25 ? 2.745   11.515  4.813   1.00 61.93 ? 25  C   A "C1'" 1 
ATOM   532 N  N1    . C   A 1 25 ? 3.121   10.119  5.147   1.00 61.38 ? 25  C   A N1    1 
ATOM   533 C  C2    . C   A 1 25 ? 2.409   9.449   6.150   1.00 61.58 ? 25  C   A C2    1 
ATOM   534 O  O2    . C   A 1 25 ? 1.467   10.029  6.716   1.00 62.27 ? 25  C   A O2    1 
ATOM   535 N  N3    . C   A 1 25 ? 2.752   8.185   6.479   1.00 61.09 ? 25  C   A N3    1 
ATOM   536 C  C4    . C   A 1 25 ? 3.744   7.577   5.840   1.00 60.36 ? 25  C   A C4    1 
ATOM   537 N  N4    . C   A 1 25 ? 4.015   6.317   6.187   1.00 59.29 ? 25  C   A N4    1 
ATOM   538 C  C5    . C   A 1 25 ? 4.490   8.231   4.813   1.00 60.20 ? 25  C   A C5    1 
ATOM   539 C  C6    . C   A 1 25 ? 4.145   9.487   4.502   1.00 60.69 ? 25  C   A C6    1 
ATOM   540 P  P     . A   A 1 26 ? 5.139   14.137  8.120   1.00 62.20 ? 26  A   A P     1 
ATOM   541 O  OP1   . A   A 1 26 ? 5.664   15.485  8.469   1.00 61.79 ? 26  A   A OP1   1 
ATOM   542 O  OP2   . A   A 1 26 ? 6.081   12.989  7.952   1.00 61.68 ? 26  A   A OP2   1 
ATOM   543 O  "O5'" . A   A 1 26 ? 4.022   13.816  9.204   1.00 61.49 ? 26  A   A "O5'" 1 
ATOM   544 C  "C5'" . A   A 1 26 ? 2.822   14.609  9.273   1.00 60.35 ? 26  A   A "C5'" 1 
ATOM   545 C  "C4'" . A   A 1 26 ? 1.774   13.879  10.062  1.00 59.17 ? 26  A   A "C4'" 1 
ATOM   546 O  "O4'" . A   A 1 26 ? 1.465   12.626  9.394   1.00 58.90 ? 26  A   A "O4'" 1 
ATOM   547 C  "C3'" . A   A 1 26 ? 2.292   13.458  11.413  1.00 58.71 ? 26  A   A "C3'" 1 
ATOM   548 O  "O3'" . A   A 1 26 ? 2.079   14.498  12.339  1.00 58.39 ? 26  A   A "O3'" 1 
ATOM   549 C  "C2'" . A   A 1 26 ? 1.436   12.249  11.744  1.00 58.70 ? 26  A   A "C2'" 1 
ATOM   550 O  "O2'" . A   A 1 26 ? 0.186   12.644  12.249  1.00 59.63 ? 26  A   A "O2'" 1 
ATOM   551 C  "C1'" . A   A 1 26 ? 1.243   11.616  10.371  1.00 58.41 ? 26  A   A "C1'" 1 
ATOM   552 N  N9    . A   A 1 26 ? 2.142   10.496  10.092  1.00 57.22 ? 26  A   A N9    1 
ATOM   553 C  C8    . A   A 1 26 ? 3.246   10.520  9.294   1.00 56.15 ? 26  A   A C8    1 
ATOM   554 N  N7    . A   A 1 26 ? 3.839   9.365   9.181   1.00 55.71 ? 26  A   A N7    1 
ATOM   555 C  C5    . A   A 1 26 ? 3.088   8.518   9.973   1.00 55.52 ? 26  A   A C5    1 
ATOM   556 C  C6    . A   A 1 26 ? 3.216   7.151   10.271  1.00 54.38 ? 26  A   A C6    1 
ATOM   557 N  N6    . A   A 1 26 ? 4.181   6.392   9.801   1.00 53.52 ? 26  A   A N6    1 
ATOM   558 N  N1    . A   A 1 26 ? 2.305   6.597   11.085  1.00 54.69 ? 26  A   A N1    1 
ATOM   559 C  C2    . A   A 1 26 ? 1.321   7.380   11.569  1.00 55.49 ? 26  A   A C2    1 
ATOM   560 N  N3    . A   A 1 26 ? 1.097   8.686   11.366  1.00 56.45 ? 26  A   A N3    1 
ATOM   561 C  C4    . A   A 1 26 ? 2.036   9.200   10.547  1.00 56.43 ? 26  A   A C4    1 
HETATM 562 P  P     . CBV A 1 27 ? 3.079   14.659  13.586  1.00 58.26 ? 27  CBV A P     1 
HETATM 563 O  O1P   . CBV A 1 27 ? 2.832   15.986  14.217  1.00 57.96 ? 27  CBV A O1P   1 
HETATM 564 O  O2P   . CBV A 1 27 ? 4.440   14.290  13.102  1.00 57.92 ? 27  CBV A O2P   1 
HETATM 565 O  "O5'" . CBV A 1 27 ? 2.609   13.555  14.634  1.00 58.03 ? 27  CBV A "O5'" 1 
HETATM 566 C  "C5'" . CBV A 1 27 ? 1.708   13.874  15.722  1.00 57.42 ? 27  CBV A "C5'" 1 
HETATM 567 C  "C4'" . CBV A 1 27 ? 1.271   12.602  16.435  1.00 57.34 ? 27  CBV A "C4'" 1 
HETATM 568 O  "O4'" . CBV A 1 27 ? 1.036   11.551  15.454  1.00 56.67 ? 27  CBV A "O4'" 1 
HETATM 569 C  "C3'" . CBV A 1 27 ? 2.337   11.970  17.311  1.00 57.44 ? 27  CBV A "C3'" 1 
HETATM 570 O  "O3'" . CBV A 1 27 ? 2.464   12.564  18.571  1.00 58.00 ? 27  CBV A "O3'" 1 
HETATM 571 C  "C2'" . CBV A 1 27 ? 1.868   10.532  17.437  1.00 56.78 ? 27  CBV A "C2'" 1 
HETATM 572 O  "O2'" . CBV A 1 27 ? 0.864   10.354  18.415  0.00 56.74 ? 27  CBV A "O2'" 1 
HETATM 573 C  "C1'" . CBV A 1 27 ? 1.300   10.289  16.047  1.00 55.93 ? 27  CBV A "C1'" 1 
HETATM 574 N  N1    . CBV A 1 27 ? 2.244   9.557   15.213  1.00 54.46 ? 27  CBV A N1    1 
HETATM 575 C  C2    . CBV A 1 27 ? 2.460   8.258   15.514  1.00 53.43 ? 27  CBV A C2    1 
HETATM 576 O  O2    . CBV A 1 27 ? 1.874   7.804   16.484  1.00 53.27 ? 27  CBV A O2    1 
HETATM 577 N  N3    . CBV A 1 27 ? 3.300   7.518   14.756  1.00 52.84 ? 27  CBV A N3    1 
HETATM 578 C  C4    . CBV A 1 27 ? 3.939   8.085   13.729  1.00 52.79 ? 27  CBV A C4    1 
HETATM 579 N  N4    . CBV A 1 27 ? 4.809   7.346   13.009  1.00 51.85 ? 27  CBV A N4    1 
HETATM 580 C  C5    . CBV A 1 27 ? 3.727   9.435   13.394  1.00 53.19 ? 27  CBV A C5    1 
HETATM 581 C  C6    . CBV A 1 27 ? 2.878   10.137  14.159  1.00 54.27 ? 27  CBV A C6    1 
HETATM 582 BR BR    . CBV A 1 27 ? 5.162   10.793  12.669  1.00 92.71 ? 27  CBV A BR    1 
ATOM   583 P  P     . C   A 1 28 ? 3.891   12.535  19.267  1.00 59.51 ? 28  C   A P     1 
ATOM   584 O  OP1   . C   A 1 28 ? 3.853   13.363  20.522  1.00 59.81 ? 28  C   A OP1   1 
ATOM   585 O  OP2   . C   A 1 28 ? 4.934   12.799  18.220  1.00 59.24 ? 28  C   A OP2   1 
ATOM   586 O  "O5'" . C   A 1 28 ? 4.114   11.008  19.644  1.00 58.58 ? 28  C   A "O5'" 1 
ATOM   587 C  "C5'" . C   A 1 28 ? 3.143   10.282  20.348  1.00 57.32 ? 28  C   A "C5'" 1 
ATOM   588 C  "C4'" . C   A 1 28 ? 3.562   8.845   20.434  1.00 56.41 ? 28  C   A "C4'" 1 
ATOM   589 O  "O4'" . C   A 1 28 ? 3.534   8.249   19.113  1.00 55.84 ? 28  C   A "O4'" 1 
ATOM   590 C  "C3'" . C   A 1 28 ? 4.991   8.579   20.830  1.00 56.03 ? 28  C   A "C3'" 1 
ATOM   591 O  "O3'" . C   A 1 28 ? 5.240   8.825   22.217  1.00 56.27 ? 28  C   A "O3'" 1 
ATOM   592 C  "C2'" . C   A 1 28 ? 5.095   7.112   20.444  1.00 55.25 ? 28  C   A "C2'" 1 
ATOM   593 O  "O2'" . C   A 1 28 ? 4.272   6.330   21.245  1.00 54.73 ? 28  C   A "O2'" 1 
ATOM   594 C  "C1'" . C   A 1 28 ? 4.389   7.121   19.094  1.00 54.91 ? 28  C   A "C1'" 1 
ATOM   595 N  N1    . C   A 1 28 ? 5.287   7.246   17.946  1.00 53.63 ? 28  C   A N1    1 
ATOM   596 C  C2    . C   A 1 28 ? 5.846   6.103   17.420  1.00 53.38 ? 28  C   A C2    1 
ATOM   597 O  O2    . C   A 1 28 ? 5.586   5.015   17.956  1.00 55.11 ? 28  C   A O2    1 
ATOM   598 N  N3    . C   A 1 28 ? 6.655   6.189   16.358  1.00 52.01 ? 28  C   A N3    1 
ATOM   599 C  C4    . C   A 1 28 ? 6.915   7.372   15.827  1.00 51.93 ? 28  C   A C4    1 
ATOM   600 N  N4    . C   A 1 28 ? 7.724   7.414   14.773  1.00 52.01 ? 28  C   A N4    1 
ATOM   601 C  C5    . C   A 1 28 ? 6.363   8.568   16.348  1.00 52.12 ? 28  C   A C5    1 
ATOM   602 C  C6    . C   A 1 28 ? 5.562   8.463   17.402  1.00 52.60 ? 28  C   A C6    1 
ATOM   603 P  P     . C   A 1 29 ? 6.770   8.877   22.748  1.00 57.41 ? 29  C   A P     1 
ATOM   604 O  OP1   . C   A 1 29 ? 6.808   9.051   24.241  1.00 57.20 ? 29  C   A OP1   1 
ATOM   605 O  OP2   . C   A 1 29 ? 7.535   9.847   21.880  1.00 56.78 ? 29  C   A OP2   1 
ATOM   606 O  "O5'" . C   A 1 29 ? 7.309   7.405   22.461  1.00 55.51 ? 29  C   A "O5'" 1 
ATOM   607 C  "C5'" . C   A 1 29 ? 6.853   6.319   23.246  1.00 54.51 ? 29  C   A "C5'" 1 
ATOM   608 C  "C4'" . C   A 1 29 ? 7.649   5.094   22.913  1.00 53.83 ? 29  C   A "C4'" 1 
ATOM   609 O  "O4'" . C   A 1 29 ? 7.426   4.781   21.524  1.00 53.51 ? 29  C   A "O4'" 1 
ATOM   610 C  "C3'" . C   A 1 29 ? 9.158   5.243   22.974  1.00 53.35 ? 29  C   A "C3'" 1 
ATOM   611 O  "O3'" . C   A 1 29 ? 9.681   5.106   24.332  1.00 53.16 ? 29  C   A "O3'" 1 
ATOM   612 C  "C2'" . C   A 1 29 ? 9.583   4.059   22.135  1.00 52.89 ? 29  C   A "C2'" 1 
ATOM   613 O  "O2'" . C   A 1 29 ? 9.383   2.856   22.828  1.00 52.88 ? 29  C   A "O2'" 1 
ATOM   614 C  "C1'" . C   A 1 29 ? 8.559   4.113   21.007  1.00 52.64 ? 29  C   A "C1'" 1 
ATOM   615 N  N1    . C   A 1 29 ? 9.070   4.858   19.850  1.00 51.13 ? 29  C   A N1    1 
ATOM   616 C  C2    . C   A 1 29 ? 9.873   4.180   18.933  1.00 50.68 ? 29  C   A C2    1 
ATOM   617 O  O2    . C   A 1 29 ? 10.097  2.980   19.119  1.00 50.65 ? 29  C   A O2    1 
ATOM   618 N  N3    . C   A 1 29 ? 10.387  4.844   17.874  1.00 50.29 ? 29  C   A N3    1 
ATOM   619 C  C4    . C   A 1 29 ? 10.110  6.142   17.712  1.00 50.47 ? 29  C   A C4    1 
ATOM   620 N  N4    . C   A 1 29 ? 10.613  6.759   16.648  1.00 50.08 ? 29  C   A N4    1 
ATOM   621 C  C5    . C   A 1 29 ? 9.289   6.863   18.638  1.00 50.20 ? 29  C   A C5    1 
ATOM   622 C  C6    . C   A 1 29 ? 8.792   6.181   19.682  1.00 50.73 ? 29  C   A C6    1 
HETATM 623 MG MG    . MG  B 2 .  ? 9.773   3.424   2.275   1.00 56.45 ? 31  MG  A MG    1 
HETATM 624 MG MG    . MG  C 2 .  ? -5.986  -19.328 -10.979 1.00 67.47 ? 32  MG  A MG    1 
HETATM 625 MG MG    . MG  D 2 .  ? 10.799  8.660   2.058   1.00 64.26 ? 33  MG  A MG    1 
HETATM 626 MG MG    . MG  E 2 .  ? 8.977   9.217   12.202  1.00 71.49 ? 34  MG  A MG    1 
HETATM 627 MG MG    . MG  F 2 .  ? -6.119  -1.712  -13.694 1.00 66.08 ? 35  MG  A MG    1 
HETATM 628 MG MG    . MG  G 2 .  ? 10.548  9.869   16.111  1.00 70.45 ? 36  MG  A MG    1 
HETATM 629 MG MG    . MG  H 2 .  ? -13.425 1.000   -6.074  1.00 66.55 ? 37  MG  A MG    1 
HETATM 630 MG MG    . MG  I 2 .  ? 7.070   5.462   7.433   1.00 55.98 ? 38  MG  A MG    1 
HETATM 631 MG MG    . MG  J 2 .  ? -1.591  7.104   15.289  1.00 68.92 ? 39  MG  A MG    1 
HETATM 632 O  O     . HOH K 3 .  ? 6.592   1.242   20.126  1.00 48.07 ? 101 HOH A O     1 
HETATM 633 O  O     . HOH K 3 .  ? 7.059   -1.296  1.682   1.00 48.73 ? 102 HOH A O     1 
HETATM 634 O  O     . HOH K 3 .  ? 8.174   -6.214  -0.861  1.00 44.19 ? 103 HOH A O     1 
HETATM 635 O  O     . HOH K 3 .  ? -3.277  -19.092 -16.038 1.00 76.62 ? 104 HOH A O     1 
HETATM 636 O  O     . HOH K 3 .  ? 12.457  -1.334  18.350  1.00 48.31 ? 105 HOH A O     1 
HETATM 637 O  O     . HOH K 3 .  ? 6.157   -6.971  0.310   1.00 62.13 ? 106 HOH A O     1 
HETATM 638 O  O     . HOH K 3 .  ? -7.386  -20.647 -12.037 1.00 63.75 ? 107 HOH A O     1 
HETATM 639 O  O     . HOH K 3 .  ? -0.793  -1.629  0.378   1.00 56.06 ? 108 HOH A O     1 
HETATM 640 O  O     . HOH K 3 .  ? 1.261   1.666   8.829   1.00 54.80 ? 109 HOH A O     1 
# 
